data_1FQZ
# 
_entry.id   1FQZ 
# 
_audit_conform.dict_name       mmcif_pdbx.dic 
_audit_conform.dict_version    5.392 
_audit_conform.dict_location   http://mmcif.pdb.org/dictionaries/ascii/mmcif_pdbx.dic 
# 
loop_
_database_2.database_id 
_database_2.database_code 
_database_2.pdbx_database_accession 
_database_2.pdbx_DOI 
PDB   1FQZ         pdb_00001fqz 10.2210/pdb1fqz/pdb 
RCSB  RCSB011837   ?            ?                   
WWPDB D_1000011837 ?            ?                   
# 
loop_
_pdbx_audit_revision_history.ordinal 
_pdbx_audit_revision_history.data_content_type 
_pdbx_audit_revision_history.major_revision 
_pdbx_audit_revision_history.minor_revision 
_pdbx_audit_revision_history.revision_date 
1 'Structure model' 1 0 2001-01-17 
2 'Structure model' 1 1 2008-04-27 
3 'Structure model' 1 2 2011-07-13 
4 'Structure model' 1 3 2022-02-23 
5 'Structure model' 1 4 2024-05-22 
# 
_pdbx_audit_revision_details.ordinal             1 
_pdbx_audit_revision_details.revision_ordinal    1 
_pdbx_audit_revision_details.data_content_type   'Structure model' 
_pdbx_audit_revision_details.provider            repository 
_pdbx_audit_revision_details.type                'Initial release' 
_pdbx_audit_revision_details.description         ? 
_pdbx_audit_revision_details.details             ? 
# 
loop_
_pdbx_audit_revision_group.ordinal 
_pdbx_audit_revision_group.revision_ordinal 
_pdbx_audit_revision_group.data_content_type 
_pdbx_audit_revision_group.group 
1 2 'Structure model' 'Version format compliance' 
2 3 'Structure model' 'Version format compliance' 
3 4 'Structure model' 'Data collection'           
4 4 'Structure model' 'Database references'       
5 4 'Structure model' 'Derived calculations'      
6 5 'Structure model' 'Data collection'           
# 
loop_
_pdbx_audit_revision_category.ordinal 
_pdbx_audit_revision_category.revision_ordinal 
_pdbx_audit_revision_category.data_content_type 
_pdbx_audit_revision_category.category 
1 4 'Structure model' database_2            
2 4 'Structure model' pdbx_nmr_software     
3 4 'Structure model' pdbx_struct_assembly  
4 4 'Structure model' pdbx_struct_oper_list 
5 5 'Structure model' chem_comp_atom        
6 5 'Structure model' chem_comp_bond        
# 
loop_
_pdbx_audit_revision_item.ordinal 
_pdbx_audit_revision_item.revision_ordinal 
_pdbx_audit_revision_item.data_content_type 
_pdbx_audit_revision_item.item 
1 4 'Structure model' '_database_2.pdbx_DOI'                
2 4 'Structure model' '_database_2.pdbx_database_accession' 
3 4 'Structure model' '_pdbx_nmr_software.name'             
# 
_pdbx_database_status.status_code                     REL 
_pdbx_database_status.entry_id                        1FQZ 
_pdbx_database_status.recvd_initial_deposition_date   2000-09-07 
_pdbx_database_status.deposit_site                    RCSB 
_pdbx_database_status.process_site                    RCSB 
_pdbx_database_status.SG_entry                        . 
_pdbx_database_status.pdb_format_compatible           Y 
_pdbx_database_status.status_code_mr                  ? 
_pdbx_database_status.status_code_sf                  ? 
_pdbx_database_status.status_code_cs                  ? 
_pdbx_database_status.status_code_nmr_data            ? 
_pdbx_database_status.methods_development_category    ? 
# 
loop_
_audit_author.name 
_audit_author.pdbx_ordinal 
'Klinck, R.'    1 
'Westhof, E.'   2 
'Walker, S.'    3 
'Afshar, M.'    4 
'Collier, A.'   5 
'Aboul-ela, F.' 6 
# 
_citation.id                        primary 
_citation.title                     'A potential RNA drug target in the hepatitis C virus internal ribosomal entry site.' 
_citation.journal_abbrev            RNA 
_citation.journal_volume            6 
_citation.page_first                1423 
_citation.page_last                 1431 
_citation.year                      2000 
_citation.journal_id_ASTM           RNARFU 
_citation.country                   UK 
_citation.journal_id_ISSN           1355-8382 
_citation.journal_id_CSD            2122 
_citation.book_publisher            ? 
_citation.pdbx_database_id_PubMed   11073218 
_citation.pdbx_database_id_DOI      10.1017/S1355838200000935 
# 
loop_
_citation_author.citation_id 
_citation_author.name 
_citation_author.ordinal 
_citation_author.identifier_ORCID 
primary 'Klinck, R.'    1 ? 
primary 'Westhof, E.'   2 ? 
primary 'Walker, S.'    3 ? 
primary 'Afshar, M.'    4 ? 
primary 'Collier, A.'   5 ? 
primary 'Aboul-Ela, F.' 6 ? 
# 
_entity.id                         1 
_entity.type                       polymer 
_entity.src_method                 syn 
_entity.pdbx_description           'HEPATITIS C VIRUS IRES DOMAIN IIID' 
_entity.formula_weight             8800.279 
_entity.pdbx_number_of_molecules   1 
_entity.pdbx_ec                    ? 
_entity.pdbx_mutation              ? 
_entity.pdbx_fragment              ? 
_entity.details                    ? 
# 
_entity_poly.entity_id                      1 
_entity_poly.type                           polyribonucleotide 
_entity_poly.nstd_linkage                   no 
_entity_poly.nstd_monomer                   no 
_entity_poly.pdbx_seq_one_letter_code       GCCGAGUAGUGUUGGGUCGCGAAAGGC 
_entity_poly.pdbx_seq_one_letter_code_can   GCCGAGUAGUGUUGGGUCGCGAAAGGC 
_entity_poly.pdbx_strand_id                 A 
_entity_poly.pdbx_target_identifier         ? 
# 
loop_
_entity_poly_seq.entity_id 
_entity_poly_seq.num 
_entity_poly_seq.mon_id 
_entity_poly_seq.hetero 
1 1  G n 
1 2  C n 
1 3  C n 
1 4  G n 
1 5  A n 
1 6  G n 
1 7  U n 
1 8  A n 
1 9  G n 
1 10 U n 
1 11 G n 
1 12 U n 
1 13 U n 
1 14 G n 
1 15 G n 
1 16 G n 
1 17 U n 
1 18 C n 
1 19 G n 
1 20 C n 
1 21 G n 
1 22 A n 
1 23 A n 
1 24 A n 
1 25 G n 
1 26 G n 
1 27 C n 
# 
_pdbx_entity_src_syn.entity_id              1 
_pdbx_entity_src_syn.pdbx_src_id            1 
_pdbx_entity_src_syn.pdbx_alt_source_flag   sample 
_pdbx_entity_src_syn.pdbx_beg_seq_num       ? 
_pdbx_entity_src_syn.pdbx_end_seq_num       ? 
_pdbx_entity_src_syn.organism_scientific    ? 
_pdbx_entity_src_syn.organism_common_name   ? 
_pdbx_entity_src_syn.ncbi_taxonomy_id       ? 
_pdbx_entity_src_syn.details                'Transcribed using T7 RNA polymerase' 
# 
loop_
_chem_comp.id 
_chem_comp.type 
_chem_comp.mon_nstd_flag 
_chem_comp.name 
_chem_comp.pdbx_synonyms 
_chem_comp.formula 
_chem_comp.formula_weight 
A 'RNA linking' y "ADENOSINE-5'-MONOPHOSPHATE" ? 'C10 H14 N5 O7 P' 347.221 
C 'RNA linking' y "CYTIDINE-5'-MONOPHOSPHATE"  ? 'C9 H14 N3 O8 P'  323.197 
G 'RNA linking' y "GUANOSINE-5'-MONOPHOSPHATE" ? 'C10 H14 N5 O8 P' 363.221 
U 'RNA linking' y "URIDINE-5'-MONOPHOSPHATE"   ? 'C9 H13 N2 O9 P'  324.181 
# 
loop_
_pdbx_poly_seq_scheme.asym_id 
_pdbx_poly_seq_scheme.entity_id 
_pdbx_poly_seq_scheme.seq_id 
_pdbx_poly_seq_scheme.mon_id 
_pdbx_poly_seq_scheme.ndb_seq_num 
_pdbx_poly_seq_scheme.pdb_seq_num 
_pdbx_poly_seq_scheme.auth_seq_num 
_pdbx_poly_seq_scheme.pdb_mon_id 
_pdbx_poly_seq_scheme.auth_mon_id 
_pdbx_poly_seq_scheme.pdb_strand_id 
_pdbx_poly_seq_scheme.pdb_ins_code 
_pdbx_poly_seq_scheme.hetero 
A 1 1  G 1  1  1  G G A . n 
A 1 2  C 2  2  2  C C A . n 
A 1 3  C 3  3  3  C C A . n 
A 1 4  G 4  4  4  G G A . n 
A 1 5  A 5  5  5  A A A . n 
A 1 6  G 6  6  6  G G A . n 
A 1 7  U 7  7  7  U U A . n 
A 1 8  A 8  8  8  A A A . n 
A 1 9  G 9  9  9  G G A . n 
A 1 10 U 10 10 10 U U A . n 
A 1 11 G 11 11 11 G G A . n 
A 1 12 U 12 12 12 U U A . n 
A 1 13 U 13 13 13 U U A . n 
A 1 14 G 14 14 14 G G A . n 
A 1 15 G 15 15 15 G G A . n 
A 1 16 G 16 16 16 G G A . n 
A 1 17 U 17 17 17 U U A . n 
A 1 18 C 18 18 18 C C A . n 
A 1 19 G 19 19 19 G G A . n 
A 1 20 C 20 20 20 C C A . n 
A 1 21 G 21 21 21 G G A . n 
A 1 22 A 22 22 22 A A A . n 
A 1 23 A 23 23 23 A A A . n 
A 1 24 A 24 24 24 A A A . n 
A 1 25 G 25 25 25 G G A . n 
A 1 26 G 26 26 26 G G A . n 
A 1 27 C 27 27 27 C C A . n 
# 
_cell.entry_id           1FQZ 
_cell.length_a           1.000 
_cell.length_b           1.000 
_cell.length_c           1.000 
_cell.angle_alpha        90.00 
_cell.angle_beta         90.00 
_cell.angle_gamma        90.00 
_cell.Z_PDB              1 
_cell.pdbx_unique_axis   ? 
# 
_symmetry.entry_id                         1FQZ 
_symmetry.space_group_name_H-M             'P 1' 
_symmetry.pdbx_full_space_group_name_H-M   ? 
_symmetry.cell_setting                     ? 
_symmetry.Int_Tables_number                1 
# 
_exptl.entry_id          1FQZ 
_exptl.method            'SOLUTION NMR' 
_exptl.crystals_number   ? 
# 
_struct.entry_id                  1FQZ 
_struct.title                     'NMR VALIDATED MODEL OF DOMAIN IIID OF HEPATITIS C VIRUS INTERNAL RIBOSOME ENTRY SITE' 
_struct.pdbx_model_details        ? 
_struct.pdbx_CASP_flag            ? 
_struct.pdbx_model_type_details   ? 
# 
_struct_keywords.entry_id        1FQZ 
_struct_keywords.pdbx_keywords   RNA 
_struct_keywords.text            
'trans wobble G.U pair, S-turn, sarcin-ricin loop, loop E motif, sheared G.A pair, reverse Hoogsteen A.U pair, RNA' 
# 
_struct_asym.id                            A 
_struct_asym.pdbx_blank_PDB_chainid_flag   N 
_struct_asym.pdbx_modified                 N 
_struct_asym.entity_id                     1 
_struct_asym.details                       ? 
# 
_struct_ref.id                         1 
_struct_ref.entity_id                  1 
_struct_ref.db_name                    PDB 
_struct_ref.db_code                    1FQZ 
_struct_ref.pdbx_db_accession          1FQZ 
_struct_ref.pdbx_db_isoform            ? 
_struct_ref.pdbx_seq_one_letter_code   ? 
_struct_ref.pdbx_align_begin           ? 
# 
_struct_ref_seq.align_id                      1 
_struct_ref_seq.ref_id                        1 
_struct_ref_seq.pdbx_PDB_id_code              1FQZ 
_struct_ref_seq.pdbx_strand_id                A 
_struct_ref_seq.seq_align_beg                 1 
_struct_ref_seq.pdbx_seq_align_beg_ins_code   ? 
_struct_ref_seq.seq_align_end                 27 
_struct_ref_seq.pdbx_seq_align_end_ins_code   ? 
_struct_ref_seq.pdbx_db_accession             1FQZ 
_struct_ref_seq.db_align_beg                  1 
_struct_ref_seq.pdbx_db_align_beg_ins_code    ? 
_struct_ref_seq.db_align_end                  27 
_struct_ref_seq.pdbx_db_align_end_ins_code    ? 
_struct_ref_seq.pdbx_auth_seq_align_beg       1 
_struct_ref_seq.pdbx_auth_seq_align_end       27 
# 
_pdbx_struct_assembly.id                   1 
_pdbx_struct_assembly.details              author_defined_assembly 
_pdbx_struct_assembly.method_details       ? 
_pdbx_struct_assembly.oligomeric_details   monomeric 
_pdbx_struct_assembly.oligomeric_count     1 
# 
_pdbx_struct_assembly_gen.assembly_id       1 
_pdbx_struct_assembly_gen.oper_expression   1 
_pdbx_struct_assembly_gen.asym_id_list      A 
# 
_pdbx_struct_oper_list.id                   1 
_pdbx_struct_oper_list.type                 'identity operation' 
_pdbx_struct_oper_list.name                 1_555 
_pdbx_struct_oper_list.symmetry_operation   x,y,z 
_pdbx_struct_oper_list.matrix[1][1]         1.0000000000 
_pdbx_struct_oper_list.matrix[1][2]         0.0000000000 
_pdbx_struct_oper_list.matrix[1][3]         0.0000000000 
_pdbx_struct_oper_list.vector[1]            0.0000000000 
_pdbx_struct_oper_list.matrix[2][1]         0.0000000000 
_pdbx_struct_oper_list.matrix[2][2]         1.0000000000 
_pdbx_struct_oper_list.matrix[2][3]         0.0000000000 
_pdbx_struct_oper_list.vector[2]            0.0000000000 
_pdbx_struct_oper_list.matrix[3][1]         0.0000000000 
_pdbx_struct_oper_list.matrix[3][2]         0.0000000000 
_pdbx_struct_oper_list.matrix[3][3]         1.0000000000 
_pdbx_struct_oper_list.vector[3]            0.0000000000 
# 
_struct_biol.id   1 
# 
loop_
_struct_conn.id 
_struct_conn.conn_type_id 
_struct_conn.pdbx_leaving_atom_flag 
_struct_conn.pdbx_PDB_id 
_struct_conn.ptnr1_label_asym_id 
_struct_conn.ptnr1_label_comp_id 
_struct_conn.ptnr1_label_seq_id 
_struct_conn.ptnr1_label_atom_id 
_struct_conn.pdbx_ptnr1_label_alt_id 
_struct_conn.pdbx_ptnr1_PDB_ins_code 
_struct_conn.pdbx_ptnr1_standard_comp_id 
_struct_conn.ptnr1_symmetry 
_struct_conn.ptnr2_label_asym_id 
_struct_conn.ptnr2_label_comp_id 
_struct_conn.ptnr2_label_seq_id 
_struct_conn.ptnr2_label_atom_id 
_struct_conn.pdbx_ptnr2_label_alt_id 
_struct_conn.pdbx_ptnr2_PDB_ins_code 
_struct_conn.ptnr1_auth_asym_id 
_struct_conn.ptnr1_auth_comp_id 
_struct_conn.ptnr1_auth_seq_id 
_struct_conn.ptnr2_auth_asym_id 
_struct_conn.ptnr2_auth_comp_id 
_struct_conn.ptnr2_auth_seq_id 
_struct_conn.ptnr2_symmetry 
_struct_conn.pdbx_ptnr3_label_atom_id 
_struct_conn.pdbx_ptnr3_label_seq_id 
_struct_conn.pdbx_ptnr3_label_comp_id 
_struct_conn.pdbx_ptnr3_label_asym_id 
_struct_conn.pdbx_ptnr3_label_alt_id 
_struct_conn.pdbx_ptnr3_PDB_ins_code 
_struct_conn.details 
_struct_conn.pdbx_dist_value 
_struct_conn.pdbx_value_order 
_struct_conn.pdbx_role 
hydrog1  hydrog ? ? A G 1  N1 ? ? ? 1_555 A C 27 N3 ? ? A G 1  A C 27 1_555 ? ? ? ? ? ? WATSON-CRICK         ? ? ? 
hydrog2  hydrog ? ? A G 1  N2 ? ? ? 1_555 A C 27 O2 ? ? A G 1  A C 27 1_555 ? ? ? ? ? ? WATSON-CRICK         ? ? ? 
hydrog3  hydrog ? ? A G 1  O6 ? ? ? 1_555 A C 27 N4 ? ? A G 1  A C 27 1_555 ? ? ? ? ? ? WATSON-CRICK         ? ? ? 
hydrog4  hydrog ? ? A C 2  N3 ? ? ? 1_555 A G 26 N1 ? ? A C 2  A G 26 1_555 ? ? ? ? ? ? WATSON-CRICK         ? ? ? 
hydrog5  hydrog ? ? A C 2  N4 ? ? ? 1_555 A G 26 O6 ? ? A C 2  A G 26 1_555 ? ? ? ? ? ? WATSON-CRICK         ? ? ? 
hydrog6  hydrog ? ? A C 2  O2 ? ? ? 1_555 A G 26 N2 ? ? A C 2  A G 26 1_555 ? ? ? ? ? ? WATSON-CRICK         ? ? ? 
hydrog7  hydrog ? ? A C 3  N3 ? ? ? 1_555 A G 25 N1 ? ? A C 3  A G 25 1_555 ? ? ? ? ? ? WATSON-CRICK         ? ? ? 
hydrog8  hydrog ? ? A C 3  N4 ? ? ? 1_555 A G 25 O6 ? ? A C 3  A G 25 1_555 ? ? ? ? ? ? WATSON-CRICK         ? ? ? 
hydrog9  hydrog ? ? A C 3  O2 ? ? ? 1_555 A G 25 N2 ? ? A C 3  A G 25 1_555 ? ? ? ? ? ? WATSON-CRICK         ? ? ? 
hydrog10 hydrog ? ? A G 4  N2 ? ? ? 1_555 A A 24 N7 ? ? A G 4  A A 24 1_555 ? ? ? ? ? ? TYPE_11_PAIR         ? ? ? 
hydrog11 hydrog ? ? A G 4  N3 ? ? ? 1_555 A A 24 N6 ? ? A G 4  A A 24 1_555 ? ? ? ? ? ? TYPE_11_PAIR         ? ? ? 
hydrog12 hydrog ? ? A A 5  N6 ? ? ? 1_555 A A 23 N7 ? ? A A 5  A A 23 1_555 ? ? ? ? ? ? TYPE_2_PAIR          ? ? ? 
hydrog13 hydrog ? ? A A 5  N7 ? ? ? 1_555 A A 23 N6 ? ? A A 5  A A 23 1_555 ? ? ? ? ? ? TYPE_2_PAIR          ? ? ? 
hydrog14 hydrog ? ? A G 6  N2 ? ? ? 1_555 A U 7  O4 ? ? A G 6  A U 7  1_555 ? ? ? ? ? ? 'G-U MISPAIR'        ? ? ? 
hydrog15 hydrog ? ? A U 7  N3 ? ? ? 1_555 A A 22 N7 ? ? A U 7  A A 22 1_555 ? ? ? ? ? ? 'REVERSED HOOGSTEEN' ? ? ? 
hydrog16 hydrog ? ? A U 7  O2 ? ? ? 1_555 A A 22 N6 ? ? A U 7  A A 22 1_555 ? ? ? ? ? ? 'REVERSED HOOGSTEEN' ? ? ? 
hydrog17 hydrog ? ? A A 8  N6 ? ? ? 1_555 A G 21 N3 ? ? A A 8  A G 21 1_555 ? ? ? ? ? ? TYPE_11_PAIR         ? ? ? 
hydrog18 hydrog ? ? A A 8  N7 ? ? ? 1_555 A G 21 N2 ? ? A A 8  A G 21 1_555 ? ? ? ? ? ? TYPE_11_PAIR         ? ? ? 
hydrog19 hydrog ? ? A G 9  N1 ? ? ? 1_555 A C 20 N3 ? ? A G 9  A C 20 1_555 ? ? ? ? ? ? WATSON-CRICK         ? ? ? 
hydrog20 hydrog ? ? A G 9  N2 ? ? ? 1_555 A C 20 O2 ? ? A G 9  A C 20 1_555 ? ? ? ? ? ? WATSON-CRICK         ? ? ? 
hydrog21 hydrog ? ? A G 9  O6 ? ? ? 1_555 A C 20 N4 ? ? A G 9  A C 20 1_555 ? ? ? ? ? ? WATSON-CRICK         ? ? ? 
hydrog22 hydrog ? ? A U 10 N3 ? ? ? 1_555 A G 19 O6 ? ? A U 10 A G 19 1_555 ? ? ? ? ? ? TYPE_28_PAIR         ? ? ? 
hydrog23 hydrog ? ? A U 10 O2 ? ? ? 1_555 A G 19 N1 ? ? A U 10 A G 19 1_555 ? ? ? ? ? ? TYPE_28_PAIR         ? ? ? 
hydrog24 hydrog ? ? A G 11 N1 ? ? ? 1_555 A C 18 N3 ? ? A G 11 A C 18 1_555 ? ? ? ? ? ? WATSON-CRICK         ? ? ? 
hydrog25 hydrog ? ? A G 11 N2 ? ? ? 1_555 A C 18 O2 ? ? A G 11 A C 18 1_555 ? ? ? ? ? ? WATSON-CRICK         ? ? ? 
hydrog26 hydrog ? ? A G 11 O6 ? ? ? 1_555 A C 18 N4 ? ? A G 11 A C 18 1_555 ? ? ? ? ? ? WATSON-CRICK         ? ? ? 
hydrog27 hydrog ? ? A U 12 N3 ? ? ? 1_555 A G 16 O6 ? ? A U 12 A G 16 1_555 ? ? ? ? ? ? TYPE_27_PAIR         ? ? ? 
hydrog28 hydrog ? ? A U 12 O4 ? ? ? 1_555 A G 16 N1 ? ? A U 12 A G 16 1_555 ? ? ? ? ? ? TYPE_27_PAIR         ? ? ? 
# 
_struct_conn_type.id          hydrog 
_struct_conn_type.criteria    ? 
_struct_conn_type.reference   ? 
# 
loop_
_pdbx_validate_rmsd_bond.id 
_pdbx_validate_rmsd_bond.PDB_model_num 
_pdbx_validate_rmsd_bond.auth_atom_id_1 
_pdbx_validate_rmsd_bond.auth_asym_id_1 
_pdbx_validate_rmsd_bond.auth_comp_id_1 
_pdbx_validate_rmsd_bond.auth_seq_id_1 
_pdbx_validate_rmsd_bond.PDB_ins_code_1 
_pdbx_validate_rmsd_bond.label_alt_id_1 
_pdbx_validate_rmsd_bond.auth_atom_id_2 
_pdbx_validate_rmsd_bond.auth_asym_id_2 
_pdbx_validate_rmsd_bond.auth_comp_id_2 
_pdbx_validate_rmsd_bond.auth_seq_id_2 
_pdbx_validate_rmsd_bond.PDB_ins_code_2 
_pdbx_validate_rmsd_bond.label_alt_id_2 
_pdbx_validate_rmsd_bond.bond_value 
_pdbx_validate_rmsd_bond.bond_target_value 
_pdbx_validate_rmsd_bond.bond_deviation 
_pdbx_validate_rmsd_bond.bond_standard_deviation 
_pdbx_validate_rmsd_bond.linker_flag 
1 1 C2 A U 7  ? ? N3 A U 7  ? ? 1.415 1.373 0.042 0.007 N 
2 1 C2 A U 10 ? ? N3 A U 10 ? ? 1.418 1.373 0.045 0.007 N 
3 1 C2 A U 13 ? ? N3 A U 13 ? ? 1.419 1.373 0.046 0.007 N 
4 1 C2 A U 17 ? ? N3 A U 17 ? ? 1.419 1.373 0.046 0.007 N 
# 
loop_
_pdbx_validate_rmsd_angle.id 
_pdbx_validate_rmsd_angle.PDB_model_num 
_pdbx_validate_rmsd_angle.auth_atom_id_1 
_pdbx_validate_rmsd_angle.auth_asym_id_1 
_pdbx_validate_rmsd_angle.auth_comp_id_1 
_pdbx_validate_rmsd_angle.auth_seq_id_1 
_pdbx_validate_rmsd_angle.PDB_ins_code_1 
_pdbx_validate_rmsd_angle.label_alt_id_1 
_pdbx_validate_rmsd_angle.auth_atom_id_2 
_pdbx_validate_rmsd_angle.auth_asym_id_2 
_pdbx_validate_rmsd_angle.auth_comp_id_2 
_pdbx_validate_rmsd_angle.auth_seq_id_2 
_pdbx_validate_rmsd_angle.PDB_ins_code_2 
_pdbx_validate_rmsd_angle.label_alt_id_2 
_pdbx_validate_rmsd_angle.auth_atom_id_3 
_pdbx_validate_rmsd_angle.auth_asym_id_3 
_pdbx_validate_rmsd_angle.auth_comp_id_3 
_pdbx_validate_rmsd_angle.auth_seq_id_3 
_pdbx_validate_rmsd_angle.PDB_ins_code_3 
_pdbx_validate_rmsd_angle.label_alt_id_3 
_pdbx_validate_rmsd_angle.angle_value 
_pdbx_validate_rmsd_angle.angle_target_value 
_pdbx_validate_rmsd_angle.angle_deviation 
_pdbx_validate_rmsd_angle.angle_standard_deviation 
_pdbx_validate_rmsd_angle.linker_flag 
1  1 N3    A G 1  ? ? C2    A G 1  ? ? N2 A G 1  ? ? 126.33 119.90 6.43  0.70 N 
2  1 N1    A G 1  ? ? C6    A G 1  ? ? O6 A G 1  ? ? 123.63 119.90 3.73  0.60 N 
3  1 "O4'" A C 3  ? ? "C1'" A C 3  ? ? N1 A C 3  ? ? 112.95 108.50 4.45  0.70 N 
4  1 N3    A G 4  ? ? C2    A G 4  ? ? N2 A G 4  ? ? 126.62 119.90 6.72  0.70 N 
5  1 N1    A A 5  ? ? C6    A A 5  ? ? N6 A A 5  ? ? 125.27 118.60 6.67  0.60 N 
6  1 N3    A G 6  ? ? C2    A G 6  ? ? N2 A G 6  ? ? 125.44 119.90 5.54  0.70 N 
7  1 N1    A A 8  ? ? C6    A A 8  ? ? N6 A A 8  ? ? 125.24 118.60 6.64  0.60 N 
8  1 N3    A G 9  ? ? C2    A G 9  ? ? N2 A G 9  ? ? 126.29 119.90 6.39  0.70 N 
9  1 N3    A G 11 ? ? C2    A G 11 ? ? N2 A G 11 ? ? 126.66 119.90 6.76  0.70 N 
10 1 N1    A G 11 ? ? C6    A G 11 ? ? O6 A G 11 ? ? 123.69 119.90 3.79  0.60 N 
11 1 C5    A G 11 ? ? C6    A G 11 ? ? O6 A G 11 ? ? 124.99 128.60 -3.61 0.60 N 
12 1 "O4'" A U 12 ? ? "C1'" A U 12 ? ? N1 A U 12 ? ? 112.81 108.50 4.31  0.70 N 
13 1 N3    A G 14 ? ? C2    A G 14 ? ? N2 A G 14 ? ? 126.12 119.90 6.22  0.70 N 
14 1 N3    A G 15 ? ? C2    A G 15 ? ? N2 A G 15 ? ? 126.08 119.90 6.18  0.70 N 
15 1 N1    A G 15 ? ? C6    A G 15 ? ? O6 A G 15 ? ? 123.53 119.90 3.63  0.60 N 
16 1 N3    A G 16 ? ? C2    A G 16 ? ? N2 A G 16 ? ? 126.43 119.90 6.53  0.70 N 
17 1 N1    A G 16 ? ? C6    A G 16 ? ? O6 A G 16 ? ? 123.82 119.90 3.92  0.60 N 
18 1 C5    A G 16 ? ? C6    A G 16 ? ? O6 A G 16 ? ? 124.93 128.60 -3.67 0.60 N 
19 1 N3    A G 19 ? ? C2    A G 19 ? ? N2 A G 19 ? ? 126.39 119.90 6.49  0.70 N 
20 1 N1    A G 19 ? ? C6    A G 19 ? ? O6 A G 19 ? ? 123.73 119.90 3.83  0.60 N 
21 1 C5    A G 19 ? ? C6    A G 19 ? ? O6 A G 19 ? ? 124.84 128.60 -3.76 0.60 N 
22 1 "O4'" A C 20 ? ? "C1'" A C 20 ? ? N1 A C 20 ? ? 112.92 108.50 4.42  0.70 N 
23 1 N3    A G 21 ? ? C2    A G 21 ? ? N2 A G 21 ? ? 126.88 119.90 6.98  0.70 N 
24 1 N1    A G 21 ? ? C6    A G 21 ? ? O6 A G 21 ? ? 123.52 119.90 3.62  0.60 N 
25 1 N1    A A 22 ? ? C6    A A 22 ? ? N6 A A 22 ? ? 125.23 118.60 6.63  0.60 N 
26 1 N1    A A 23 ? ? C6    A A 23 ? ? N6 A A 23 ? ? 125.52 118.60 6.92  0.60 N 
27 1 N1    A A 24 ? ? C6    A A 24 ? ? N6 A A 24 ? ? 125.47 118.60 6.87  0.60 N 
28 1 N3    A G 25 ? ? C2    A G 25 ? ? N2 A G 25 ? ? 126.07 119.90 6.17  0.70 N 
29 1 N1    A G 25 ? ? C6    A G 25 ? ? O6 A G 25 ? ? 123.60 119.90 3.70  0.60 N 
30 1 N3    A G 26 ? ? C2    A G 26 ? ? N2 A G 26 ? ? 125.99 119.90 6.09  0.70 N 
31 1 N1    A G 26 ? ? C6    A G 26 ? ? O6 A G 26 ? ? 123.53 119.90 3.63  0.60 N 
# 
_pdbx_validate_planes.id              1 
_pdbx_validate_planes.PDB_model_num   1 
_pdbx_validate_planes.auth_comp_id    U 
_pdbx_validate_planes.auth_asym_id    A 
_pdbx_validate_planes.auth_seq_id     12 
_pdbx_validate_planes.PDB_ins_code    ? 
_pdbx_validate_planes.label_alt_id    ? 
_pdbx_validate_planes.rmsd            0.075 
_pdbx_validate_planes.type            'SIDE CHAIN' 
# 
_pdbx_nmr_ensemble.entry_id                                      1FQZ 
_pdbx_nmr_ensemble.conformers_calculated_total_number            1 
_pdbx_nmr_ensemble.conformers_submitted_total_number             1 
_pdbx_nmr_ensemble.conformer_selection_criteria                  
'structures with acceptable covalent geometry, structures with favorable non-bond energy' 
_pdbx_nmr_ensemble.average_constraints_per_residue               ? 
_pdbx_nmr_ensemble.average_constraint_violations_per_residue     ? 
_pdbx_nmr_ensemble.maximum_distance_constraint_violation         ? 
_pdbx_nmr_ensemble.average_distance_constraint_violation         ? 
_pdbx_nmr_ensemble.maximum_upper_distance_constraint_violation   ? 
_pdbx_nmr_ensemble.maximum_lower_distance_constraint_violation   ? 
_pdbx_nmr_ensemble.distance_constraint_violation_method          ? 
_pdbx_nmr_ensemble.maximum_torsion_angle_constraint_violation    ? 
_pdbx_nmr_ensemble.average_torsion_angle_constraint_violation    ? 
_pdbx_nmr_ensemble.torsion_angle_constraint_violation_method     ? 
# 
loop_
_pdbx_nmr_sample_details.solution_id 
_pdbx_nmr_sample_details.contents 
_pdbx_nmr_sample_details.solvent_system 
1 '1.2 mM RNA, 8mM sodium phosphate buffer pH 6.6' '90% H2O/10% D2O' 
2 '1.2 mM RNA, 8mM sodium phosphate buffer pH 6.6' '100% D2O'        
# 
loop_
_pdbx_nmr_exptl_sample_conditions.conditions_id 
_pdbx_nmr_exptl_sample_conditions.temperature 
_pdbx_nmr_exptl_sample_conditions.pressure 
_pdbx_nmr_exptl_sample_conditions.pH 
_pdbx_nmr_exptl_sample_conditions.ionic_strength 
_pdbx_nmr_exptl_sample_conditions.pressure_units 
_pdbx_nmr_exptl_sample_conditions.temperature_units 
1 278 ambient 6.6 '8mM Na phosphate' ? K 
2 298 ambient 6.6 '8mM Na phosphate' ? K 
3 303 ambient 6.6 '8mM Na phosphate' ? K 
# 
loop_
_pdbx_nmr_exptl.experiment_id 
_pdbx_nmr_exptl.conditions_id 
_pdbx_nmr_exptl.solution_id 
_pdbx_nmr_exptl.type 
1 1 1 '2D NOESY' 
2 1 2 '2D NOESY' 
3 2 2 '2D NOESY' 
4 2 3 '2D NOESY' 
# 
_pdbx_nmr_refine.entry_id           1FQZ 
_pdbx_nmr_refine.method             
;Using a motif-based approach, a model was constructed from X-ray and NMR structures of 6 known RNA motifs: (i) double helix, (ii) sheared G.A base pair, (iii) eukaryotic loop E motif, (iv) S-turn, (v) trans Wobble G.U pair, (vi) U-turn. The resulting energy minimized model was then validated by comparing it with the NOESY data.
;
_pdbx_nmr_refine.details            
;Motifs (i) to (vi) were obtained from the following sources: (i) idealized A-form coordinates (InsightII, MSI); (ii)&(iii) PDB 430D.pdb; (iv) PDB 1ETG.pdb; (vi) PDB 1QA6.pdb; Motif (v) was constructed manually.
;
_pdbx_nmr_refine.software_ordinal   1 
# 
loop_
_pdbx_nmr_software.name 
_pdbx_nmr_software.version 
_pdbx_nmr_software.classification 
_pdbx_nmr_software.authors 
_pdbx_nmr_software.ordinal 
XwinNMR      2.5  collection      Bruker              1 
NMRPipe      1.7  processing      Delaglio            2 
Sparky       3.66 'data analysis' 'Goddard & Kneller' 3 
CHARMM       25.2 refinement      'Brooks et al.'     4 
'Insight II' 97.0 refinement      MSI                 5 
# 
loop_
_chem_comp_atom.comp_id 
_chem_comp_atom.atom_id 
_chem_comp_atom.type_symbol 
_chem_comp_atom.pdbx_aromatic_flag 
_chem_comp_atom.pdbx_stereo_config 
_chem_comp_atom.pdbx_ordinal 
A OP3    O N N 1   
A P      P N N 2   
A OP1    O N N 3   
A OP2    O N N 4   
A "O5'"  O N N 5   
A "C5'"  C N N 6   
A "C4'"  C N R 7   
A "O4'"  O N N 8   
A "C3'"  C N S 9   
A "O3'"  O N N 10  
A "C2'"  C N R 11  
A "O2'"  O N N 12  
A "C1'"  C N R 13  
A N9     N Y N 14  
A C8     C Y N 15  
A N7     N Y N 16  
A C5     C Y N 17  
A C6     C Y N 18  
A N6     N N N 19  
A N1     N Y N 20  
A C2     C Y N 21  
A N3     N Y N 22  
A C4     C Y N 23  
A HOP3   H N N 24  
A HOP2   H N N 25  
A "H5'"  H N N 26  
A "H5''" H N N 27  
A "H4'"  H N N 28  
A "H3'"  H N N 29  
A "HO3'" H N N 30  
A "H2'"  H N N 31  
A "HO2'" H N N 32  
A "H1'"  H N N 33  
A H8     H N N 34  
A H61    H N N 35  
A H62    H N N 36  
A H2     H N N 37  
C OP3    O N N 38  
C P      P N N 39  
C OP1    O N N 40  
C OP2    O N N 41  
C "O5'"  O N N 42  
C "C5'"  C N N 43  
C "C4'"  C N R 44  
C "O4'"  O N N 45  
C "C3'"  C N S 46  
C "O3'"  O N N 47  
C "C2'"  C N R 48  
C "O2'"  O N N 49  
C "C1'"  C N R 50  
C N1     N N N 51  
C C2     C N N 52  
C O2     O N N 53  
C N3     N N N 54  
C C4     C N N 55  
C N4     N N N 56  
C C5     C N N 57  
C C6     C N N 58  
C HOP3   H N N 59  
C HOP2   H N N 60  
C "H5'"  H N N 61  
C "H5''" H N N 62  
C "H4'"  H N N 63  
C "H3'"  H N N 64  
C "HO3'" H N N 65  
C "H2'"  H N N 66  
C "HO2'" H N N 67  
C "H1'"  H N N 68  
C H41    H N N 69  
C H42    H N N 70  
C H5     H N N 71  
C H6     H N N 72  
G OP3    O N N 73  
G P      P N N 74  
G OP1    O N N 75  
G OP2    O N N 76  
G "O5'"  O N N 77  
G "C5'"  C N N 78  
G "C4'"  C N R 79  
G "O4'"  O N N 80  
G "C3'"  C N S 81  
G "O3'"  O N N 82  
G "C2'"  C N R 83  
G "O2'"  O N N 84  
G "C1'"  C N R 85  
G N9     N Y N 86  
G C8     C Y N 87  
G N7     N Y N 88  
G C5     C Y N 89  
G C6     C N N 90  
G O6     O N N 91  
G N1     N N N 92  
G C2     C N N 93  
G N2     N N N 94  
G N3     N N N 95  
G C4     C Y N 96  
G HOP3   H N N 97  
G HOP2   H N N 98  
G "H5'"  H N N 99  
G "H5''" H N N 100 
G "H4'"  H N N 101 
G "H3'"  H N N 102 
G "HO3'" H N N 103 
G "H2'"  H N N 104 
G "HO2'" H N N 105 
G "H1'"  H N N 106 
G H8     H N N 107 
G H1     H N N 108 
G H21    H N N 109 
G H22    H N N 110 
U OP3    O N N 111 
U P      P N N 112 
U OP1    O N N 113 
U OP2    O N N 114 
U "O5'"  O N N 115 
U "C5'"  C N N 116 
U "C4'"  C N R 117 
U "O4'"  O N N 118 
U "C3'"  C N S 119 
U "O3'"  O N N 120 
U "C2'"  C N R 121 
U "O2'"  O N N 122 
U "C1'"  C N R 123 
U N1     N N N 124 
U C2     C N N 125 
U O2     O N N 126 
U N3     N N N 127 
U C4     C N N 128 
U O4     O N N 129 
U C5     C N N 130 
U C6     C N N 131 
U HOP3   H N N 132 
U HOP2   H N N 133 
U "H5'"  H N N 134 
U "H5''" H N N 135 
U "H4'"  H N N 136 
U "H3'"  H N N 137 
U "HO3'" H N N 138 
U "H2'"  H N N 139 
U "HO2'" H N N 140 
U "H1'"  H N N 141 
U H3     H N N 142 
U H5     H N N 143 
U H6     H N N 144 
# 
loop_
_chem_comp_bond.comp_id 
_chem_comp_bond.atom_id_1 
_chem_comp_bond.atom_id_2 
_chem_comp_bond.value_order 
_chem_comp_bond.pdbx_aromatic_flag 
_chem_comp_bond.pdbx_stereo_config 
_chem_comp_bond.pdbx_ordinal 
A OP3   P      sing N N 1   
A OP3   HOP3   sing N N 2   
A P     OP1    doub N N 3   
A P     OP2    sing N N 4   
A P     "O5'"  sing N N 5   
A OP2   HOP2   sing N N 6   
A "O5'" "C5'"  sing N N 7   
A "C5'" "C4'"  sing N N 8   
A "C5'" "H5'"  sing N N 9   
A "C5'" "H5''" sing N N 10  
A "C4'" "O4'"  sing N N 11  
A "C4'" "C3'"  sing N N 12  
A "C4'" "H4'"  sing N N 13  
A "O4'" "C1'"  sing N N 14  
A "C3'" "O3'"  sing N N 15  
A "C3'" "C2'"  sing N N 16  
A "C3'" "H3'"  sing N N 17  
A "O3'" "HO3'" sing N N 18  
A "C2'" "O2'"  sing N N 19  
A "C2'" "C1'"  sing N N 20  
A "C2'" "H2'"  sing N N 21  
A "O2'" "HO2'" sing N N 22  
A "C1'" N9     sing N N 23  
A "C1'" "H1'"  sing N N 24  
A N9    C8     sing Y N 25  
A N9    C4     sing Y N 26  
A C8    N7     doub Y N 27  
A C8    H8     sing N N 28  
A N7    C5     sing Y N 29  
A C5    C6     sing Y N 30  
A C5    C4     doub Y N 31  
A C6    N6     sing N N 32  
A C6    N1     doub Y N 33  
A N6    H61    sing N N 34  
A N6    H62    sing N N 35  
A N1    C2     sing Y N 36  
A C2    N3     doub Y N 37  
A C2    H2     sing N N 38  
A N3    C4     sing Y N 39  
C OP3   P      sing N N 40  
C OP3   HOP3   sing N N 41  
C P     OP1    doub N N 42  
C P     OP2    sing N N 43  
C P     "O5'"  sing N N 44  
C OP2   HOP2   sing N N 45  
C "O5'" "C5'"  sing N N 46  
C "C5'" "C4'"  sing N N 47  
C "C5'" "H5'"  sing N N 48  
C "C5'" "H5''" sing N N 49  
C "C4'" "O4'"  sing N N 50  
C "C4'" "C3'"  sing N N 51  
C "C4'" "H4'"  sing N N 52  
C "O4'" "C1'"  sing N N 53  
C "C3'" "O3'"  sing N N 54  
C "C3'" "C2'"  sing N N 55  
C "C3'" "H3'"  sing N N 56  
C "O3'" "HO3'" sing N N 57  
C "C2'" "O2'"  sing N N 58  
C "C2'" "C1'"  sing N N 59  
C "C2'" "H2'"  sing N N 60  
C "O2'" "HO2'" sing N N 61  
C "C1'" N1     sing N N 62  
C "C1'" "H1'"  sing N N 63  
C N1    C2     sing N N 64  
C N1    C6     sing N N 65  
C C2    O2     doub N N 66  
C C2    N3     sing N N 67  
C N3    C4     doub N N 68  
C C4    N4     sing N N 69  
C C4    C5     sing N N 70  
C N4    H41    sing N N 71  
C N4    H42    sing N N 72  
C C5    C6     doub N N 73  
C C5    H5     sing N N 74  
C C6    H6     sing N N 75  
G OP3   P      sing N N 76  
G OP3   HOP3   sing N N 77  
G P     OP1    doub N N 78  
G P     OP2    sing N N 79  
G P     "O5'"  sing N N 80  
G OP2   HOP2   sing N N 81  
G "O5'" "C5'"  sing N N 82  
G "C5'" "C4'"  sing N N 83  
G "C5'" "H5'"  sing N N 84  
G "C5'" "H5''" sing N N 85  
G "C4'" "O4'"  sing N N 86  
G "C4'" "C3'"  sing N N 87  
G "C4'" "H4'"  sing N N 88  
G "O4'" "C1'"  sing N N 89  
G "C3'" "O3'"  sing N N 90  
G "C3'" "C2'"  sing N N 91  
G "C3'" "H3'"  sing N N 92  
G "O3'" "HO3'" sing N N 93  
G "C2'" "O2'"  sing N N 94  
G "C2'" "C1'"  sing N N 95  
G "C2'" "H2'"  sing N N 96  
G "O2'" "HO2'" sing N N 97  
G "C1'" N9     sing N N 98  
G "C1'" "H1'"  sing N N 99  
G N9    C8     sing Y N 100 
G N9    C4     sing Y N 101 
G C8    N7     doub Y N 102 
G C8    H8     sing N N 103 
G N7    C5     sing Y N 104 
G C5    C6     sing N N 105 
G C5    C4     doub Y N 106 
G C6    O6     doub N N 107 
G C6    N1     sing N N 108 
G N1    C2     sing N N 109 
G N1    H1     sing N N 110 
G C2    N2     sing N N 111 
G C2    N3     doub N N 112 
G N2    H21    sing N N 113 
G N2    H22    sing N N 114 
G N3    C4     sing N N 115 
U OP3   P      sing N N 116 
U OP3   HOP3   sing N N 117 
U P     OP1    doub N N 118 
U P     OP2    sing N N 119 
U P     "O5'"  sing N N 120 
U OP2   HOP2   sing N N 121 
U "O5'" "C5'"  sing N N 122 
U "C5'" "C4'"  sing N N 123 
U "C5'" "H5'"  sing N N 124 
U "C5'" "H5''" sing N N 125 
U "C4'" "O4'"  sing N N 126 
U "C4'" "C3'"  sing N N 127 
U "C4'" "H4'"  sing N N 128 
U "O4'" "C1'"  sing N N 129 
U "C3'" "O3'"  sing N N 130 
U "C3'" "C2'"  sing N N 131 
U "C3'" "H3'"  sing N N 132 
U "O3'" "HO3'" sing N N 133 
U "C2'" "O2'"  sing N N 134 
U "C2'" "C1'"  sing N N 135 
U "C2'" "H2'"  sing N N 136 
U "O2'" "HO2'" sing N N 137 
U "C1'" N1     sing N N 138 
U "C1'" "H1'"  sing N N 139 
U N1    C2     sing N N 140 
U N1    C6     sing N N 141 
U C2    O2     doub N N 142 
U C2    N3     sing N N 143 
U N3    C4     sing N N 144 
U N3    H3     sing N N 145 
U C4    O4     doub N N 146 
U C4    C5     sing N N 147 
U C5    C6     doub N N 148 
U C5    H5     sing N N 149 
U C6    H6     sing N N 150 
# 
loop_
_ndb_struct_conf_na.entry_id 
_ndb_struct_conf_na.feature 
1FQZ 'double helix'         
1FQZ 'a-form double helix'  
1FQZ 'bulge loop'           
1FQZ 'mismatched base pair' 
1FQZ 'triple helix'         
# 
loop_
_ndb_struct_na_base_pair.model_number 
_ndb_struct_na_base_pair.i_label_asym_id 
_ndb_struct_na_base_pair.i_label_comp_id 
_ndb_struct_na_base_pair.i_label_seq_id 
_ndb_struct_na_base_pair.i_symmetry 
_ndb_struct_na_base_pair.j_label_asym_id 
_ndb_struct_na_base_pair.j_label_comp_id 
_ndb_struct_na_base_pair.j_label_seq_id 
_ndb_struct_na_base_pair.j_symmetry 
_ndb_struct_na_base_pair.shear 
_ndb_struct_na_base_pair.stretch 
_ndb_struct_na_base_pair.stagger 
_ndb_struct_na_base_pair.buckle 
_ndb_struct_na_base_pair.propeller 
_ndb_struct_na_base_pair.opening 
_ndb_struct_na_base_pair.pair_number 
_ndb_struct_na_base_pair.pair_name 
_ndb_struct_na_base_pair.i_auth_asym_id 
_ndb_struct_na_base_pair.i_auth_seq_id 
_ndb_struct_na_base_pair.i_PDB_ins_code 
_ndb_struct_na_base_pair.j_auth_asym_id 
_ndb_struct_na_base_pair.j_auth_seq_id 
_ndb_struct_na_base_pair.j_PDB_ins_code 
_ndb_struct_na_base_pair.hbond_type_28 
_ndb_struct_na_base_pair.hbond_type_12 
1 A G 1  1_555 A C 27 1_555 -1.132 -0.210 0.013  9.480   -2.036  -7.037   1  A_G1:C27_A  A 1  ? A 27 ? 19 1  
1 A C 2  1_555 A G 26 1_555 1.244  -0.167 -0.332 9.805   -12.096 0.268    2  A_C2:G26_A  A 2  ? A 26 ? 19 1  
1 A C 3  1_555 A G 25 1_555 1.083  -0.236 -0.282 -3.774  -12.708 -1.699   3  A_C3:G25_A  A 3  ? A 25 ? 19 1  
1 A G 4  1_555 A A 24 1_555 7.022  -4.575 0.002  -2.074  -8.198  -7.827   4  A_G4:A24_A  A 4  ? A 24 ? 11 10 
1 A A 5  1_555 A A 23 1_555 -6.412 5.484  0.007  -15.371 2.911   -174.790 5  A_A5:A23_A  A 5  ? A 23 ? 2  8  
1 A U 7  1_555 A A 22 1_555 4.142  -1.338 -1.508 15.454  -30.792 -105.743 6  A_U7:A22_A  A 7  ? A 22 ? 24 4  
1 A A 8  1_555 A G 21 1_555 -7.026 -4.316 -0.355 -3.784  3.136   -6.783   7  A_A8:G21_A  A 8  ? A 21 ? 11 10 
1 A G 9  1_555 A C 20 1_555 -0.763 -0.109 -0.467 -3.117  -5.484  -5.884   8  A_G9:C20_A  A 9  ? A 20 ? 19 1  
1 A U 10 1_555 A G 19 1_555 1.828  -0.398 -0.089 -6.290  -4.434  -12.489  9  A_U10:G19_A A 10 ? A 19 ? 28 ?  
1 A G 11 1_555 A C 18 1_555 -0.368 -0.106 0.403  -4.069  -11.327 -11.009  10 A_G11:C18_A A 11 ? A 18 ? 19 1  
1 A U 12 1_555 A G 16 1_555 -0.270 1.318  -0.150 -13.522 -1.044  -159.547 11 A_U12:G16_A A 12 ? A 16 ? 27 ?  
# 
loop_
_ndb_struct_na_base_pair_step.model_number 
_ndb_struct_na_base_pair_step.i_label_asym_id_1 
_ndb_struct_na_base_pair_step.i_label_comp_id_1 
_ndb_struct_na_base_pair_step.i_label_seq_id_1 
_ndb_struct_na_base_pair_step.i_symmetry_1 
_ndb_struct_na_base_pair_step.j_label_asym_id_1 
_ndb_struct_na_base_pair_step.j_label_comp_id_1 
_ndb_struct_na_base_pair_step.j_label_seq_id_1 
_ndb_struct_na_base_pair_step.j_symmetry_1 
_ndb_struct_na_base_pair_step.i_label_asym_id_2 
_ndb_struct_na_base_pair_step.i_label_comp_id_2 
_ndb_struct_na_base_pair_step.i_label_seq_id_2 
_ndb_struct_na_base_pair_step.i_symmetry_2 
_ndb_struct_na_base_pair_step.j_label_asym_id_2 
_ndb_struct_na_base_pair_step.j_label_comp_id_2 
_ndb_struct_na_base_pair_step.j_label_seq_id_2 
_ndb_struct_na_base_pair_step.j_symmetry_2 
_ndb_struct_na_base_pair_step.shift 
_ndb_struct_na_base_pair_step.slide 
_ndb_struct_na_base_pair_step.rise 
_ndb_struct_na_base_pair_step.tilt 
_ndb_struct_na_base_pair_step.roll 
_ndb_struct_na_base_pair_step.twist 
_ndb_struct_na_base_pair_step.x_displacement 
_ndb_struct_na_base_pair_step.y_displacement 
_ndb_struct_na_base_pair_step.helical_rise 
_ndb_struct_na_base_pair_step.inclination 
_ndb_struct_na_base_pair_step.tip 
_ndb_struct_na_base_pair_step.helical_twist 
_ndb_struct_na_base_pair_step.step_number 
_ndb_struct_na_base_pair_step.step_name 
_ndb_struct_na_base_pair_step.i_auth_asym_id_1 
_ndb_struct_na_base_pair_step.i_auth_seq_id_1 
_ndb_struct_na_base_pair_step.i_PDB_ins_code_1 
_ndb_struct_na_base_pair_step.j_auth_asym_id_1 
_ndb_struct_na_base_pair_step.j_auth_seq_id_1 
_ndb_struct_na_base_pair_step.j_PDB_ins_code_1 
_ndb_struct_na_base_pair_step.i_auth_asym_id_2 
_ndb_struct_na_base_pair_step.i_auth_seq_id_2 
_ndb_struct_na_base_pair_step.i_PDB_ins_code_2 
_ndb_struct_na_base_pair_step.j_auth_asym_id_2 
_ndb_struct_na_base_pair_step.j_auth_seq_id_2 
_ndb_struct_na_base_pair_step.j_PDB_ins_code_2 
1 A G 1  1_555 A C 27 1_555 A C 2  1_555 A G 26 1_555 0.199  -1.311 3.233 1.594   3.143   44.167   -2.024 -0.119 3.142 4.172   
-2.116  44.301   1  AA_G1C2:G26C27_AA   A 1  ? A 27 ? A 2  ? A 26 ? 
1 A C 2  1_555 A G 26 1_555 A C 3  1_555 A G 25 1_555 0.155  -1.911 3.503 2.973   9.141   31.141   -4.992 0.238  2.845 16.539  
-5.379  32.555   2  AA_C2C3:G25G26_AA   A 2  ? A 26 ? A 3  ? A 25 ? 
1 A C 3  1_555 A G 25 1_555 A G 4  1_555 A A 24 1_555 -0.195 -1.348 3.404 6.120   6.814   59.121   -1.699 0.507  3.213 6.860   
-6.162  59.763   3  AA_C3G4:A24G25_AA   A 3  ? A 25 ? A 4  ? A 24 ? 
1 A G 4  1_555 A A 24 1_555 A A 5  1_555 A A 23 1_555 -3.624 0.114  0.704 90.924  150.507 140.985  0.000  1.847  0.070 75.356  
-45.524 178.611  4  AA_G4A5:A23A24_AA   A 4  ? A 24 ? A 5  ? A 23 ? 
1 A A 5  1_555 A A 23 1_555 A U 7  1_555 A A 22 1_555 2.589  -1.560 0.851 113.725 127.759 -126.399 0.660  1.403  0.510 -64.238 
57.181  -175.965 5  AA_A5U7:A22A23_AA   A 5  ? A 23 ? A 7  ? A 22 ? 
1 A U 7  1_555 A A 22 1_555 A A 8  1_555 A G 21 1_555 5.559  -0.998 3.758 -0.340  2.515   -6.052   -5.016 46.706 4.136 -22.556 
-3.054  -6.562   6  AA_U7A8:G21A22_AA   A 7  ? A 22 ? A 8  ? A 21 ? 
1 A A 8  1_555 A G 21 1_555 A G 9  1_555 A C 20 1_555 0.257  -1.310 3.427 -2.454  4.884   62.109   -1.496 -0.364 3.315 4.724   
2.373   62.325   7  AA_A8G9:C20G21_AA   A 8  ? A 21 ? A 9  ? A 20 ? 
1 A G 9  1_555 A C 20 1_555 A U 10 1_555 A G 19 1_555 -0.442 -1.696 3.372 -1.144  3.868   41.294   -2.811 0.501  3.218 5.469   
1.618   41.482   8  AA_G9U10:G19C20_AA  A 9  ? A 20 ? A 10 ? A 19 ? 
1 A U 10 1_555 A G 19 1_555 A G 11 1_555 A C 18 1_555 0.120  -1.790 3.173 0.807   3.365   26.571   -4.678 -0.063 2.930 7.282   
-1.747  26.791   9  AA_U10G11:C18G19_AA A 10 ? A 19 ? A 11 ? A 18 ? 
1 A G 11 1_555 A C 18 1_555 A U 12 1_555 A G 16 1_555 -1.175 -0.483 3.206 4.742   -3.830  92.788   -0.263 0.897  3.171 -2.642  
-3.272  92.942   10 AA_G11U12:G16C18_AA A 11 ? A 18 ? A 12 ? A 16 ? 
# 
loop_
_pdbx_nmr_spectrometer.spectrometer_id 
_pdbx_nmr_spectrometer.type 
_pdbx_nmr_spectrometer.manufacturer 
_pdbx_nmr_spectrometer.model 
_pdbx_nmr_spectrometer.field_strength 
1 ? Bruker DRX 500 
2 ? Bruker DMX 600 
# 
_atom_sites.entry_id                    1FQZ 
_atom_sites.fract_transf_matrix[1][1]   1.000000 
_atom_sites.fract_transf_matrix[1][2]   0.000000 
_atom_sites.fract_transf_matrix[1][3]   0.000000 
_atom_sites.fract_transf_matrix[2][1]   0.000000 
_atom_sites.fract_transf_matrix[2][2]   1.000000 
_atom_sites.fract_transf_matrix[2][3]   0.000000 
_atom_sites.fract_transf_matrix[3][1]   0.000000 
_atom_sites.fract_transf_matrix[3][2]   0.000000 
_atom_sites.fract_transf_matrix[3][3]   1.000000 
_atom_sites.fract_transf_vector[1]      0.00000 
_atom_sites.fract_transf_vector[2]      0.00000 
_atom_sites.fract_transf_vector[3]      0.00000 
# 
loop_
_atom_type.symbol 
C 
H 
N 
O 
P 
# 
loop_
_atom_site.group_PDB 
_atom_site.id 
_atom_site.type_symbol 
_atom_site.label_atom_id 
_atom_site.label_alt_id 
_atom_site.label_comp_id 
_atom_site.label_asym_id 
_atom_site.label_entity_id 
_atom_site.label_seq_id 
_atom_site.pdbx_PDB_ins_code 
_atom_site.Cartn_x 
_atom_site.Cartn_y 
_atom_site.Cartn_z 
_atom_site.occupancy 
_atom_site.B_iso_or_equiv 
_atom_site.pdbx_formal_charge 
_atom_site.auth_seq_id 
_atom_site.auth_comp_id 
_atom_site.auth_asym_id 
_atom_site.auth_atom_id 
_atom_site.pdbx_PDB_model_num 
ATOM 1   O OP3    . G A 1 1  ? 6.375   -7.516  13.944  1.00 0.00  ? 1  G A OP3    1 
ATOM 2   P P      . G A 1 1  ? 5.002   -7.252  13.175  1.00 0.00  ? 1  G A P      1 
ATOM 3   O OP1    . G A 1 1  ? 4.670   -5.828  13.402  1.00 0.00  ? 1  G A OP1    1 
ATOM 4   O OP2    . G A 1 1  ? 5.202   -7.719  11.785  1.00 0.00  ? 1  G A OP2    1 
ATOM 5   O "O5'"  . G A 1 1  ? 3.947   -8.163  13.916  1.00 51.20 ? 1  G A "O5'"  1 
ATOM 6   C "C5'"  . G A 1 1  ? 3.987   -9.573  13.706  1.00 51.37 ? 1  G A "C5'"  1 
ATOM 7   C "C4'"  . G A 1 1  ? 3.161   -10.324 14.764  1.00 52.27 ? 1  G A "C4'"  1 
ATOM 8   O "O4'"  . G A 1 1  ? 3.752   -10.162 16.095  1.00 52.07 ? 1  G A "O4'"  1 
ATOM 9   C "C3'"  . G A 1 1  ? 1.733   -9.796  14.882  1.00 52.49 ? 1  G A "C3'"  1 
ATOM 10  O "O3'"  . G A 1 1  ? 0.822   -10.564 14.093  1.00 54.03 ? 1  G A "O3'"  1 
ATOM 11  C "C2'"  . G A 1 1  ? 1.424   -9.885  16.375  1.00 51.90 ? 1  G A "C2'"  1 
ATOM 12  O "O2'"  . G A 1 1  ? 0.998   -11.189 16.766  1.00 52.06 ? 1  G A "O2'"  1 
ATOM 13  C "C1'"  . G A 1 1  ? 2.803   -9.571  16.990  1.00 51.54 ? 1  G A "C1'"  1 
ATOM 14  N N9     . G A 1 1  ? 3.141   -8.124  17.192  1.00 50.61 ? 1  G A N9     1 
ATOM 15  C C8     . G A 1 1  ? 4.294   -7.464  16.854  1.00 49.69 ? 1  G A C8     1 
ATOM 16  N N7     . G A 1 1  ? 4.386   -6.241  17.306  1.00 48.95 ? 1  G A N7     1 
ATOM 17  C C5     . G A 1 1  ? 3.240   -6.053  18.020  1.00 49.40 ? 1  G A C5     1 
ATOM 18  C C6     . G A 1 1  ? 2.849   -4.914  18.734  1.00 49.40 ? 1  G A C6     1 
ATOM 19  O O6     . G A 1 1  ? 3.503   -3.869  18.820  1.00 49.46 ? 1  G A O6     1 
ATOM 20  N N1     . G A 1 1  ? 1.583   -5.103  19.352  1.00 48.94 ? 1  G A N1     1 
ATOM 21  C C2     . G A 1 1  ? 0.792   -6.265  19.282  1.00 49.20 ? 1  G A C2     1 
ATOM 22  N N2     . G A 1 1  ? -0.389  -6.148  19.951  1.00 48.66 ? 1  G A N2     1 
ATOM 23  N N3     . G A 1 1  ? 1.223   -7.356  18.587  1.00 49.29 ? 1  G A N3     1 
ATOM 24  C C4     . G A 1 1  ? 2.429   -7.193  17.980  1.00 49.83 ? 1  G A C4     1 
ATOM 25  H "H5'"  . G A 1 1  ? 5.033   -9.957  13.735  1.00 0.00  ? 1  G A "H5'"  1 
ATOM 26  H "H5''" . G A 1 1  ? 3.565   -9.802  12.701  1.00 0.00  ? 1  G A "H5''" 1 
ATOM 27  H "H4'"  . G A 1 1  ? 3.168   -11.415 14.555  1.00 0.00  ? 1  G A "H4'"  1 
ATOM 28  H "H3'"  . G A 1 1  ? 1.713   -8.717  14.609  1.00 0.00  ? 1  G A "H3'"  1 
ATOM 29  H "H2'"  . G A 1 1  ? 0.688   -9.157  16.716  1.00 0.00  ? 1  G A "H2'"  1 
ATOM 30  H "HO2'" . G A 1 1  ? 0.404   -11.473 16.067  1.00 0.00  ? 1  G A "HO2'" 1 
ATOM 31  H "H1'"  . G A 1 1  ? 2.909   -10.095 17.964  1.00 0.00  ? 1  G A "H1'"  1 
ATOM 32  H H8     . G A 1 1  ? 5.060   -7.993  16.288  1.00 0.00  ? 1  G A H8     1 
ATOM 33  H H1     . G A 1 1  ? 1.230   -4.302  19.858  1.00 0.00  ? 1  G A H1     1 
ATOM 34  H H21    . G A 1 1  ? -0.625  -5.288  20.408  1.00 0.00  ? 1  G A H21    1 
ATOM 35  H H22    . G A 1 1  ? -1.032  -6.913  19.959  1.00 0.00  ? 1  G A H22    1 
ATOM 36  H "HO5'" . G A 1 1  ? 7.172   -7.055  13.656  1.00 0.00  ? 1  G A "HO5'" 1 
ATOM 37  P P      . C A 1 2  ? 0.091   -9.937  12.839  1.00 55.76 ? 2  C A P      1 
ATOM 38  O OP1    . C A 1 2  ? -0.690  -11.000 12.167  1.00 55.86 ? 2  C A OP1    1 
ATOM 39  O OP2    . C A 1 2  ? 1.070   -9.191  12.019  1.00 56.33 ? 2  C A OP2    1 
ATOM 40  O "O5'"  . C A 1 2  ? -0.907  -8.906  13.502  1.00 56.19 ? 2  C A "O5'"  1 
ATOM 41  C "C5'"  . C A 1 2  ? -2.053  -9.401  14.184  1.00 56.93 ? 2  C A "C5'"  1 
ATOM 42  C "C4'"  . C A 1 2  ? -2.657  -8.339  15.113  1.00 57.67 ? 2  C A "C4'"  1 
ATOM 43  O "O4'"  . C A 1 2  ? -1.717  -7.946  16.164  1.00 57.95 ? 2  C A "O4'"  1 
ATOM 44  C "C3'"  . C A 1 2  ? -2.982  -7.033  14.406  1.00 57.88 ? 2  C A "C3'"  1 
ATOM 45  O "O3'"  . C A 1 2  ? -4.201  -7.117  13.670  1.00 58.24 ? 2  C A "O3'"  1 
ATOM 46  C "C2'"  . C A 1 2  ? -3.056  -6.071  15.582  1.00 57.77 ? 2  C A "C2'"  1 
ATOM 47  O "O2'"  . C A 1 2  ? -4.263  -6.215  16.326  1.00 57.80 ? 2  C A "O2'"  1 
ATOM 48  C "C1'"  . C A 1 2  ? -1.844  -6.534  16.415  1.00 57.14 ? 2  C A "C1'"  1 
ATOM 49  N N1     . C A 1 2  ? -0.571  -5.791  16.102  1.00 56.18 ? 2  C A N1     1 
ATOM 50  C C2     . C A 1 2  ? -0.408  -4.492  16.686  1.00 55.44 ? 2  C A C2     1 
ATOM 51  O O2     . C A 1 2  ? -1.287  -3.998  17.417  1.00 54.15 ? 2  C A O2     1 
ATOM 52  N N3     . C A 1 2  ? 0.754   -3.792  16.424  1.00 55.22 ? 2  C A N3     1 
ATOM 53  C C4     . C A 1 2  ? 1.742   -4.314  15.649  1.00 54.75 ? 2  C A C4     1 
ATOM 54  N N4     . C A 1 2  ? 2.924   -3.663  15.450  1.00 54.65 ? 2  C A N4     1 
ATOM 55  C C5     . C A 1 2  ? 1.560   -5.599  15.025  1.00 55.23 ? 2  C A C5     1 
ATOM 56  C C6     . C A 1 2  ? 0.426   -6.274  15.265  1.00 55.57 ? 2  C A C6     1 
ATOM 57  H "H5'"  . C A 1 2  ? -1.806  -10.301 14.796  1.00 0.00  ? 2  C A "H5'"  1 
ATOM 58  H "H5''" . C A 1 2  ? -2.821  -9.693  13.434  1.00 0.00  ? 2  C A "H5''" 1 
ATOM 59  H "H4'"  . C A 1 2  ? -3.556  -8.746  15.625  1.00 0.00  ? 2  C A "H4'"  1 
ATOM 60  H "H3'"  . C A 1 2  ? -2.114  -6.733  13.767  1.00 0.00  ? 2  C A "H3'"  1 
ATOM 61  H "H2'"  . C A 1 2  ? -2.952  -5.023  15.300  1.00 0.00  ? 2  C A "H2'"  1 
ATOM 62  H "HO2'" . C A 1 2  ? -4.967  -6.144  15.676  1.00 0.00  ? 2  C A "HO2'" 1 
ATOM 63  H "H1'"  . C A 1 2  ? -2.068  -6.434  17.498  1.00 0.00  ? 2  C A "H1'"  1 
ATOM 64  H H41    . C A 1 2  ? 3.082   -2.776  15.886  1.00 0.00  ? 2  C A H41    1 
ATOM 65  H H42    . C A 1 2  ? 3.644   -4.095  14.904  1.00 0.00  ? 2  C A H42    1 
ATOM 66  H H5     . C A 1 2  ? 2.336   -6.012  14.383  1.00 0.00  ? 2  C A H5     1 
ATOM 67  H H6     . C A 1 2  ? 0.245   -7.243  14.820  1.00 0.00  ? 2  C A H6     1 
ATOM 68  P P      . C A 1 3  ? -4.325  -6.422  12.251  1.00 58.36 ? 3  C A P      1 
ATOM 69  O OP1    . C A 1 3  ? -5.582  -6.874  11.614  1.00 58.73 ? 3  C A OP1    1 
ATOM 70  O OP2    . C A 1 3  ? -3.070  -6.620  11.492  1.00 57.89 ? 3  C A OP2    1 
ATOM 71  O "O5'"  . C A 1 3  ? -4.458  -4.887  12.623  1.00 58.47 ? 3  C A "O5'"  1 
ATOM 72  C "C5'"  . C A 1 3  ? -5.688  -4.448  13.196  1.00 59.01 ? 3  C A "C5'"  1 
ATOM 73  C "C4'"  . C A 1 3  ? -5.554  -3.076  13.874  1.00 59.66 ? 3  C A "C4'"  1 
ATOM 74  O "O4'"  . C A 1 3  ? -4.475  -3.068  14.865  1.00 59.98 ? 3  C A "O4'"  1 
ATOM 75  C "C3'"  . C A 1 3  ? -5.171  -1.956  12.923  1.00 60.02 ? 3  C A "C3'"  1 
ATOM 76  O "O3'"  . C A 1 3  ? -6.281  -1.473  12.165  1.00 59.53 ? 3  C A "O3'"  1 
ATOM 77  C "C2'"  . C A 1 3  ? -4.658  -0.913  13.901  1.00 60.12 ? 3  C A "C2'"  1 
ATOM 78  O "O2'"  . C A 1 3  ? -5.712  -0.271  14.617  1.00 59.65 ? 3  C A "O2'"  1 
ATOM 79  C "C1'"  . C A 1 3  ? -3.818  -1.790  14.844  1.00 60.44 ? 3  C A "C1'"  1 
ATOM 80  N N1     . C A 1 3  ? -2.370  -1.880  14.437  1.00 0.00  ? 3  C A N1     1 
ATOM 81  C C2     . C A 1 3  ? -1.579  -0.700  14.644  1.00 0.00  ? 3  C A C2     1 
ATOM 82  O O2     . C A 1 3  ? -2.056  0.312   15.190  1.00 0.00  ? 3  C A O2     1 
ATOM 83  N N3     . C A 1 3  ? -0.272  -0.700  14.211  1.00 0.00  ? 3  C A N3     1 
ATOM 84  C C4     . C A 1 3  ? 0.277   -1.773  13.590  1.00 0.00  ? 3  C A C4     1 
ATOM 85  N N4     . C A 1 3  ? 1.582   -1.769  13.197  1.00 0.00  ? 3  C A N4     1 
ATOM 86  C C5     . C A 1 3  ? -0.524  -2.947  13.341  1.00 0.00  ? 3  C A C5     1 
ATOM 87  C C6     . C A 1 3  ? -1.800  -2.956  13.761  1.00 0.00  ? 3  C A C6     1 
ATOM 88  H "H5'"  . C A 1 3  ? -6.054  -5.171  13.964  1.00 0.00  ? 3  C A "H5'"  1 
ATOM 89  H "H5''" . C A 1 3  ? -6.461  -4.375  12.398  1.00 0.00  ? 3  C A "H5''" 1 
ATOM 90  H "H4'"  . C A 1 3  ? -6.492  -2.827  14.415  1.00 0.00  ? 3  C A "H4'"  1 
ATOM 91  H "H3'"  . C A 1 3  ? -4.323  -2.299  12.280  1.00 0.00  ? 3  C A "H3'"  1 
ATOM 92  H "H2'"  . C A 1 3  ? -4.040  -0.143  13.440  1.00 0.00  ? 3  C A "H2'"  1 
ATOM 93  H "HO2'" . C A 1 3  ? -6.377  -0.071  13.954  1.00 0.00  ? 3  C A "HO2'" 1 
ATOM 94  H "H1'"  . C A 1 3  ? -3.880  -1.396  15.882  1.00 0.00  ? 3  C A "H1'"  1 
ATOM 95  H H41    . C A 1 3  ? 2.146   -0.962  13.379  1.00 0.00  ? 3  C A H41    1 
ATOM 96  H H42    . C A 1 3  ? 1.973   -2.565  12.737  1.00 0.00  ? 3  C A H42    1 
ATOM 97  H H5     . C A 1 3  ? -0.089  -3.802  12.822  1.00 0.00  ? 3  C A H5     1 
ATOM 98  H H6     . C A 1 3  ? -2.443  -3.811  13.582  1.00 0.00  ? 3  C A H6     1 
ATOM 99  P P      . G A 1 4  ? -6.079  -1.125  10.632  1.00 59.25 ? 4  G A P      1 
ATOM 100 O OP1    . G A 1 4  ? -7.339  -0.556  10.103  1.00 59.56 ? 4  G A OP1    1 
ATOM 101 O OP2    . G A 1 4  ? -5.522  -2.308  9.942   1.00 59.17 ? 4  G A OP2    1 
ATOM 102 O "O5'"  . G A 1 4  ? -4.971  0.008   10.657  1.00 59.81 ? 4  G A "O5'"  1 
ATOM 103 C "C5'"  . G A 1 4  ? -5.312  1.297   11.157  1.00 60.87 ? 4  G A "C5'"  1 
ATOM 104 C "C4'"  . G A 1 4  ? -4.087  2.226   11.235  1.00 61.59 ? 4  G A "C4'"  1 
ATOM 105 O "O4'"  . G A 1 4  ? -2.986  1.629   11.991  1.00 61.62 ? 4  G A "O4'"  1 
ATOM 106 C "C3'"  . G A 1 4  ? -3.483  2.507   9.875   1.00 61.95 ? 4  G A "C3'"  1 
ATOM 107 O "O3'"  . G A 1 4  ? -4.257  3.482   9.177   1.00 62.47 ? 4  G A "O3'"  1 
ATOM 108 C "C2'"  . G A 1 4  ? -2.078  2.970   10.238  1.00 62.12 ? 4  G A "C2'"  1 
ATOM 109 O "O2'"  . G A 1 4  ? -2.066  4.310   10.724  1.00 62.53 ? 4  G A "O2'"  1 
ATOM 110 C "C1'"  . G A 1 4  ? -1.736  1.974   11.371  1.00 62.16 ? 4  G A "C1'"  1 
ATOM 111 N N9     . G A 1 4  ? -1.037  0.733   10.919  1.00 0.00  ? 4  G A N9     1 
ATOM 112 C C8     . G A 1 4  ? -1.559  -0.474  10.538  1.00 0.00  ? 4  G A C8     1 
ATOM 113 N N7     . G A 1 4  ? -0.676  -1.359  10.155  1.00 0.00  ? 4  G A N7     1 
ATOM 114 C C5     . G A 1 4  ? 0.525   -0.725  10.285  1.00 0.00  ? 4  G A C5     1 
ATOM 115 C C6     . G A 1 4  ? 1.804   -1.234  10.024  1.00 0.00  ? 4  G A C6     1 
ATOM 116 O O6     . G A 1 4  ? 2.047   -2.375  9.612   1.00 0.00  ? 4  G A O6     1 
ATOM 117 N N1     . G A 1 4  ? 2.812   -0.276  10.317  1.00 0.00  ? 4  G A N1     1 
ATOM 118 C C2     . G A 1 4  ? 2.600   1.028   10.801  1.00 0.00  ? 4  G A C2     1 
ATOM 119 N N2     . G A 1 4  ? 3.762   1.701   11.031  1.00 0.00  ? 4  G A N2     1 
ATOM 120 N N3     . G A 1 4  ? 1.333   1.493   11.011  1.00 0.00  ? 4  G A N3     1 
ATOM 121 C C4     . G A 1 4  ? 0.355   0.582   10.753  1.00 0.00  ? 4  G A C4     1 
ATOM 122 H "H5'"  . G A 1 4  ? -5.752  1.215   12.176  1.00 0.00  ? 4  G A "H5'"  1 
ATOM 123 H "H5''" . G A 1 4  ? -6.070  1.770   10.493  1.00 0.00  ? 4  G A "H5''" 1 
ATOM 124 H "H4'"  . G A 1 4  ? -4.357  3.174   11.752  1.00 0.00  ? 4  G A "H4'"  1 
ATOM 125 H "H3'"  . G A 1 4  ? -3.396  1.546   9.315   1.00 0.00  ? 4  G A "H3'"  1 
ATOM 126 H "H2'"  . G A 1 4  ? -1.353  2.895   9.427   1.00 0.00  ? 4  G A "H2'"  1 
ATOM 127 H "HO2'" . G A 1 4  ? -2.631  4.800   10.120  1.00 0.00  ? 4  G A "HO2'" 1 
ATOM 128 H "H1'"  . G A 1 4  ? -1.123  2.475   12.149  1.00 0.00  ? 4  G A "H1'"  1 
ATOM 129 H H8     . G A 1 4  ? -2.633  -0.630  10.582  1.00 0.00  ? 4  G A H8     1 
ATOM 130 H H1     . G A 1 4  ? 3.759   -0.587  10.153  1.00 0.00  ? 4  G A H1     1 
ATOM 131 H H21    . G A 1 4  ? 4.646   1.265   10.866  1.00 0.00  ? 4  G A H21    1 
ATOM 132 H H22    . G A 1 4  ? 3.731   2.635   11.394  1.00 0.00  ? 4  G A H22    1 
ATOM 133 P P      . A A 1 5  ? -4.421  3.363   7.610   1.00 62.88 ? 5  A A P      1 
ATOM 134 O OP1    . A A 1 5  ? -3.080  3.350   6.988   1.00 63.83 ? 5  A A OP1    1 
ATOM 135 O OP2    . A A 1 5  ? -5.375  4.398   7.154   1.00 62.66 ? 5  A A OP2    1 
ATOM 136 O "O5'"  . A A 1 5  ? -5.093  1.938   7.455   1.00 63.40 ? 5  A A "O5'"  1 
ATOM 137 C "C5'"  . A A 1 5  ? -5.552  1.513   6.174   1.00 63.28 ? 5  A A "C5'"  1 
ATOM 138 C "C4'"  . A A 1 5  ? -4.875  0.213   5.704   1.00 63.36 ? 5  A A "C4'"  1 
ATOM 139 O "O4'"  . A A 1 5  ? -3.428  0.395   5.571   1.00 63.11 ? 5  A A "O4'"  1 
ATOM 140 C "C3'"  . A A 1 5  ? -5.054  -0.928  6.717   1.00 63.12 ? 5  A A "C3'"  1 
ATOM 141 O "O3'"  . A A 1 5  ? -5.359  -2.161  6.072   1.00 63.80 ? 5  A A "O3'"  1 
ATOM 142 C "C2'"  . A A 1 5  ? -3.683  -1.001  7.401   1.00 63.16 ? 5  A A "C2'"  1 
ATOM 143 O "O2'"  . A A 1 5  ? -3.395  -2.246  8.034   1.00 62.46 ? 5  A A "O2'"  1 
ATOM 144 C "C1'"  . A A 1 5  ? -2.777  -0.696  6.207   1.00 63.28 ? 5  A A "C1'"  1 
ATOM 145 N N9     . A A 1 5  ? -1.369  -0.328  6.527   1.00 64.25 ? 5  A A N9     1 
ATOM 146 C C8     . A A 1 5  ? -0.868  0.815   7.086   1.00 64.65 ? 5  A A C8     1 
ATOM 147 N N7     . A A 1 5  ? 0.437   0.836   7.225   1.00 65.10 ? 5  A A N7     1 
ATOM 148 C C5     . A A 1 5  ? 0.841   -0.381  6.745   1.00 66.07 ? 5  A A C5     1 
ATOM 149 C C6     . A A 1 5  ? 2.135   -0.933  6.658   1.00 66.44 ? 5  A A C6     1 
ATOM 150 N N6     . A A 1 5  ? 3.212   -0.204  7.077   1.00 67.16 ? 5  A A N6     1 
ATOM 151 N N1     . A A 1 5  ? 2.190   -2.205  6.148   1.00 66.66 ? 5  A A N1     1 
ATOM 152 C C2     . A A 1 5  ? 1.069   -2.822  5.764   1.00 66.11 ? 5  A A C2     1 
ATOM 153 N N3     . A A 1 5  ? -0.191  -2.384  5.789   1.00 65.82 ? 5  A A N3     1 
ATOM 154 C C4     . A A 1 5  ? -0.242  -1.134  6.309   1.00 65.45 ? 5  A A C4     1 
ATOM 155 H "H5'"  . A A 1 5  ? -5.416  2.290   5.386   1.00 0.00  ? 5  A A "H5'"  1 
ATOM 156 H "H5''" . A A 1 5  ? -6.645  1.324   6.246   1.00 0.00  ? 5  A A "H5''" 1 
ATOM 157 H "H4'"  . A A 1 5  ? -5.262  -0.053  4.699   1.00 0.00  ? 5  A A "H4'"  1 
ATOM 158 H "H3'"  . A A 1 5  ? -5.836  -0.681  7.469   1.00 0.00  ? 5  A A "H3'"  1 
ATOM 159 H "H2'"  . A A 1 5  ? -3.621  -0.258  8.197   1.00 0.00  ? 5  A A "H2'"  1 
ATOM 160 H "HO2'" . A A 1 5  ? -4.136  -2.412  8.630   1.00 0.00  ? 5  A A "HO2'" 1 
ATOM 161 H "H1'"  . A A 1 5  ? -2.806  -1.539  5.482   1.00 0.00  ? 5  A A "H1'"  1 
ATOM 162 H H8     . A A 1 5  ? -1.560  1.601   7.376   1.00 0.00  ? 5  A A H8     1 
ATOM 163 H H61    . A A 1 5  ? 4.121   -0.627  7.111   1.00 0.00  ? 5  A A H61    1 
ATOM 164 H H62    . A A 1 5  ? 3.079   0.726   7.424   1.00 0.00  ? 5  A A H62    1 
ATOM 165 H H2     . A A 1 5  ? 1.203   -3.831  5.375   1.00 0.00  ? 5  A A H2     1 
ATOM 166 P P      . G A 1 6  ? -6.796  -2.457  5.480   1.00 63.26 ? 6  G A P      1 
ATOM 167 O OP1    . G A 1 6  ? -7.747  -1.401  5.899   1.00 63.23 ? 6  G A OP1    1 
ATOM 168 O OP2    . G A 1 6  ? -7.161  -3.860  5.779   1.00 63.92 ? 6  G A OP2    1 
ATOM 169 O "O5'"  . G A 1 6  ? -6.533  -2.319  3.921   1.00 63.46 ? 6  G A "O5'"  1 
ATOM 170 C "C5'"  . G A 1 6  ? -5.569  -3.181  3.318   1.00 63.77 ? 6  G A "C5'"  1 
ATOM 171 C "C4'"  . G A 1 6  ? -4.587  -2.346  2.495   1.00 64.66 ? 6  G A "C4'"  1 
ATOM 172 O "O4'"  . G A 1 6  ? -3.361  -3.115  2.267   1.00 64.79 ? 6  G A "O4'"  1 
ATOM 173 C "C3'"  . G A 1 6  ? -5.131  -2.043  1.093   1.00 65.31 ? 6  G A "C3'"  1 
ATOM 174 O "O3'"  . G A 1 6  ? -4.596  -0.782  0.709   1.00 66.59 ? 6  G A "O3'"  1 
ATOM 175 C "C2'"  . G A 1 6  ? -4.566  -3.233  0.303   1.00 64.98 ? 6  G A "C2'"  1 
ATOM 176 O "O2'"  . G A 1 6  ? -4.631  -3.132  -1.115  1.00 65.30 ? 6  G A "O2'"  1 
ATOM 177 C "C1'"  . G A 1 6  ? -3.144  -3.206  0.865   1.00 64.83 ? 6  G A "C1'"  1 
ATOM 178 N N9     . G A 1 6  ? -2.245  -4.351  0.568   1.00 64.48 ? 6  G A N9     1 
ATOM 179 C C8     . G A 1 6  ? -2.462  -5.478  -0.171  1.00 64.55 ? 6  G A C8     1 
ATOM 180 N N7     . G A 1 6  ? -1.417  -6.260  -0.289  1.00 64.22 ? 6  G A N7     1 
ATOM 181 C C5     . G A 1 6  ? -0.423  -5.613  0.394   1.00 64.23 ? 6  G A C5     1 
ATOM 182 C C6     . G A 1 6  ? 0.911   -6.007  0.581   1.00 64.06 ? 6  G A C6     1 
ATOM 183 O O6     . G A 1 6  ? 1.420   -7.042  0.143   1.00 63.17 ? 6  G A O6     1 
ATOM 184 N N1     . G A 1 6  ? 1.621   -5.058  1.372   1.00 64.00 ? 6  G A N1     1 
ATOM 185 C C2     . G A 1 6  ? 1.090   -3.868  1.907   1.00 63.72 ? 6  G A C2     1 
ATOM 186 N N2     . G A 1 6  ? 1.972   -3.167  2.662   1.00 63.25 ? 6  G A N2     1 
ATOM 187 N N3     . G A 1 6  ? -0.198  -3.516  1.671   1.00 63.91 ? 6  G A N3     1 
ATOM 188 C C4     . G A 1 6  ? -0.896  -4.418  0.937   1.00 64.11 ? 6  G A C4     1 
ATOM 189 H "H5'"  . G A 1 6  ? -6.091  -3.914  2.668   1.00 0.00  ? 6  G A "H5'"  1 
ATOM 190 H "H5''" . G A 1 6  ? -4.987  -3.770  4.070   1.00 0.00  ? 6  G A "H5''" 1 
ATOM 191 H "H4'"  . G A 1 6  ? -4.296  -1.428  3.051   1.00 0.00  ? 6  G A "H4'"  1 
ATOM 192 H "H3'"  . G A 1 6  ? -6.241  -2.024  1.083   1.00 0.00  ? 6  G A "H3'"  1 
ATOM 193 H "H2'"  . G A 1 6  ? -5.032  -4.175  0.591   1.00 0.00  ? 6  G A "H2'"  1 
ATOM 194 H "HO2'" . G A 1 6  ? -4.309  -2.251  -1.338  1.00 0.00  ? 6  G A "HO2'" 1 
ATOM 195 H "H1'"  . G A 1 6  ? -2.630  -2.267  0.567   1.00 0.00  ? 6  G A "H1'"  1 
ATOM 196 H H8     . G A 1 6  ? -3.440  -5.638  -0.625  1.00 0.00  ? 6  G A H8     1 
ATOM 197 H H1     . G A 1 6  ? 2.581   -5.296  1.582   1.00 0.00  ? 6  G A H1     1 
ATOM 198 H H21    . G A 1 6  ? 2.905   -3.506  2.802   1.00 0.00  ? 6  G A H21    1 
ATOM 199 H H22    . G A 1 6  ? 1.693   -2.293  3.065   1.00 0.00  ? 6  G A H22    1 
ATOM 200 P P      . U A 1 7  ? -5.026  0.025   -0.565  1.00 67.33 ? 7  U A P      1 
ATOM 201 O OP1    . U A 1 7  ? -6.480  -0.131  -0.792  1.00 67.46 ? 7  U A OP1    1 
ATOM 202 O OP2    . U A 1 7  ? -4.111  -0.346  -1.668  1.00 67.83 ? 7  U A OP2    1 
ATOM 203 O "O5'"  . U A 1 7  ? -4.704  1.502   -0.110  1.00 67.75 ? 7  U A "O5'"  1 
ATOM 204 C "C5'"  . U A 1 7  ? -5.690  2.245   0.601   1.00 68.49 ? 7  U A "C5'"  1 
ATOM 205 C "C4'"  . U A 1 7  ? -5.069  3.148   1.677   1.00 69.20 ? 7  U A "C4'"  1 
ATOM 206 O "O4'"  . U A 1 7  ? -4.557  2.369   2.800   1.00 69.18 ? 7  U A "O4'"  1 
ATOM 207 C "C3'"  . U A 1 7  ? -3.857  3.931   1.207   1.00 69.75 ? 7  U A "C3'"  1 
ATOM 208 O "O3'"  . U A 1 7  ? -4.224  5.041   0.389   1.00 71.19 ? 7  U A "O3'"  1 
ATOM 209 C "C2'"  . U A 1 7  ? -3.247  4.337   2.540   1.00 69.56 ? 7  U A "C2'"  1 
ATOM 210 O "O2'"  . U A 1 7  ? -3.997  5.366   3.185   1.00 69.66 ? 7  U A "O2'"  1 
ATOM 211 C "C1'"  . U A 1 7  ? -3.367  3.003   3.309   1.00 69.15 ? 7  U A "C1'"  1 
ATOM 212 N N1     . U A 1 7  ? -2.163  2.103   3.188   1.00 68.67 ? 7  U A N1     1 
ATOM 213 C C2     . U A 1 7  ? -1.014  2.465   3.957   1.00 68.09 ? 7  U A C2     1 
ATOM 214 O O2     . U A 1 7  ? -0.922  3.495   4.632   1.00 67.78 ? 7  U A O2     1 
ATOM 215 N N3     . U A 1 7  ? 0.059   1.546   3.880   1.00 67.84 ? 7  U A N3     1 
ATOM 216 C C4     . U A 1 7  ? 0.102   0.343   3.132   1.00 68.39 ? 7  U A C4     1 
ATOM 217 O O4     . U A 1 7  ? 1.106   -0.374  3.133   1.00 68.79 ? 7  U A O4     1 
ATOM 218 C C5     . U A 1 7  ? -1.110  0.061   2.387   1.00 68.73 ? 7  U A C5     1 
ATOM 219 C C6     . U A 1 7  ? -2.145  0.924   2.431   1.00 68.48 ? 7  U A C6     1 
ATOM 220 H "H5'"  . U A 1 7  ? -6.452  1.595   1.092   1.00 0.00  ? 7  U A "H5'"  1 
ATOM 221 H "H5''" . U A 1 7  ? -6.222  2.893   -0.129  1.00 0.00  ? 7  U A "H5''" 1 
ATOM 222 H "H4'"  . U A 1 7  ? -5.847  3.824   2.093   1.00 0.00  ? 7  U A "H4'"  1 
ATOM 223 H "H3'"  . U A 1 7  ? -3.141  3.238   0.701   1.00 0.00  ? 7  U A "H3'"  1 
ATOM 224 H "H2'"  . U A 1 7  ? -2.208  4.662   2.484   1.00 0.00  ? 7  U A "H2'"  1 
ATOM 225 H "HO2'" . U A 1 7  ? -4.133  6.035   2.510   1.00 0.00  ? 7  U A "HO2'" 1 
ATOM 226 H "H1'"  . U A 1 7  ? -3.557  3.208   4.384   1.00 0.00  ? 7  U A "H1'"  1 
ATOM 227 H H3     . U A 1 7  ? 0.898   1.780   4.394   1.00 0.00  ? 7  U A H3     1 
ATOM 228 H H5     . U A 1 7  ? -1.163  -0.845  1.784   1.00 0.00  ? 7  U A H5     1 
ATOM 229 H H6     . U A 1 7  ? -3.045  0.733   1.857   1.00 0.00  ? 7  U A H6     1 
ATOM 230 P P      . A A 1 8  ? -3.347  5.388   -0.886  1.00 72.35 ? 8  A A P      1 
ATOM 231 O OP1    . A A 1 8  ? -4.046  6.432   -1.669  1.00 72.16 ? 8  A A OP1    1 
ATOM 232 O OP2    . A A 1 8  ? -2.985  4.137   -1.589  1.00 71.24 ? 8  A A OP2    1 
ATOM 233 O "O5'"  . A A 1 8  ? -2.039  6.004   -0.239  1.00 72.02 ? 8  A A "O5'"  1 
ATOM 234 C "C5'"  . A A 1 8  ? -2.153  7.294   0.358   1.00 72.26 ? 8  A A "C5'"  1 
ATOM 235 C "C4'"  . A A 1 8  ? -0.873  7.687   1.108   1.00 72.45 ? 8  A A "C4'"  1 
ATOM 236 O "O4'"  . A A 1 8  ? -0.522  6.688   2.122   1.00 72.73 ? 8  A A "O4'"  1 
ATOM 237 C "C3'"  . A A 1 8  ? 0.350   7.742   0.208   1.00 72.34 ? 8  A A "C3'"  1 
ATOM 238 O "O3'"  . A A 1 8  ? 0.446   8.966   -0.519  1.00 72.21 ? 8  A A "O3'"  1 
ATOM 239 C "C2'"  . A A 1 8  ? 1.475   7.587   1.220   1.00 72.52 ? 8  A A "C2'"  1 
ATOM 240 O "O2'"  . A A 1 8  ? 1.681   8.772   1.986   1.00 72.26 ? 8  A A "O2'"  1 
ATOM 241 C "C1'"  . A A 1 8  ? 0.896   6.462   2.099   1.00 72.84 ? 8  A A "C1'"  1 
ATOM 242 N N9     . A A 1 8  ? 1.203   5.083   1.604   1.00 73.10 ? 8  A A N9     1 
ATOM 243 C C8     . A A 1 8  ? 0.366   4.090   1.166   1.00 72.80 ? 8  A A C8     1 
ATOM 244 N N7     . A A 1 8  ? 0.962   2.981   0.810   1.00 73.11 ? 8  A A N7     1 
ATOM 245 C C5     . A A 1 8  ? 2.291   3.239   0.993   1.00 73.64 ? 8  A A C5     1 
ATOM 246 C C6     . A A 1 8  ? 3.408   2.417   0.749   1.00 74.18 ? 8  A A C6     1 
ATOM 247 N N6     . A A 1 8  ? 3.225   1.147   0.281   1.00 74.42 ? 8  A A N6     1 
ATOM 248 N N1     . A A 1 8  ? 4.621   2.994   1.016   1.00 74.80 ? 8  A A N1     1 
ATOM 249 C C2     . A A 1 8  ? 4.678   4.242   1.490   1.00 74.11 ? 8  A A C2     1 
ATOM 250 N N3     . A A 1 8  ? 3.686   5.090   1.767   1.00 73.90 ? 8  A A N3     1 
ATOM 251 C C4     . A A 1 8  ? 2.489   4.523   1.485   1.00 73.44 ? 8  A A C4     1 
ATOM 252 H "H5'"  . A A 1 8  ? -3.000  7.321   1.082   1.00 0.00  ? 8  A A "H5'"  1 
ATOM 253 H "H5''" . A A 1 8  ? -2.345  8.058   -0.430  1.00 0.00  ? 8  A A "H5''" 1 
ATOM 254 H "H4'"  . A A 1 8  ? -1.019  8.652   1.640   1.00 0.00  ? 8  A A "H4'"  1 
ATOM 255 H "H3'"  . A A 1 8  ? 0.348   6.845   -0.456  1.00 0.00  ? 8  A A "H3'"  1 
ATOM 256 H "H2'"  . A A 1 8  ? 2.432   7.290   0.792   1.00 0.00  ? 8  A A "H2'"  1 
ATOM 257 H "HO2'" . A A 1 8  ? 1.683   9.487   1.344   1.00 0.00  ? 8  A A "HO2'" 1 
ATOM 258 H "H1'"  . A A 1 8  ? 1.263   6.567   3.143   1.00 0.00  ? 8  A A "H1'"  1 
ATOM 259 H H8     . A A 1 8  ? -0.702  4.280   1.108   1.00 0.00  ? 8  A A H8     1 
ATOM 260 H H61    . A A 1 8  ? 4.016   0.552   0.126   1.00 0.00  ? 8  A A H61    1 
ATOM 261 H H62    . A A 1 8  ? 2.301   0.805   0.101   1.00 0.00  ? 8  A A H62    1 
ATOM 262 H H2     . A A 1 8  ? 5.682   4.623   1.678   1.00 0.00  ? 8  A A H2     1 
ATOM 263 P P      . G A 1 9  ? 0.575   8.947   -2.100  1.00 1.00  ? 9  G A P      1 
ATOM 264 O OP1    . G A 1 9  ? 0.703   10.339  -2.580  1.00 1.00  ? 9  G A OP1    1 
ATOM 265 O OP2    . G A 1 9  ? -0.519  8.127   -2.664  1.00 1.00  ? 9  G A OP2    1 
ATOM 266 O "O5'"  . G A 1 9  ? 1.945   8.188   -2.339  1.00 1.00  ? 9  G A "O5'"  1 
ATOM 267 C "C5'"  . G A 1 9  ? 3.157   8.832   -1.957  1.00 1.00  ? 9  G A "C5'"  1 
ATOM 268 C "C4'"  . G A 1 9  ? 4.335   7.847   -1.920  1.00 1.00  ? 9  G A "C4'"  1 
ATOM 269 O "O4'"  . G A 1 9  ? 4.039   6.685   -1.081  1.00 1.00  ? 9  G A "O4'"  1 
ATOM 270 C "C3'"  . G A 1 9  ? 4.664   7.253   -3.279  1.00 1.00  ? 9  G A "C3'"  1 
ATOM 271 O "O3'"  . G A 1 9  ? 5.477   8.138   -4.047  1.00 1.00  ? 9  G A "O3'"  1 
ATOM 272 C "C2'"  . G A 1 9  ? 5.392   5.975   -2.886  1.00 1.00  ? 9  G A "C2'"  1 
ATOM 273 O "O2'"  . G A 1 9  ? 6.725   6.225   -2.439  1.00 1.00  ? 9  G A "O2'"  1 
ATOM 274 C "C1'"  . G A 1 9  ? 4.515   5.492   -1.720  1.00 1.00  ? 9  G A "C1'"  1 
ATOM 275 N N9     . G A 1 9  ? 3.366   4.619   -2.120  1.00 1.00  ? 9  G A N9     1 
ATOM 276 C C8     . G A 1 9  ? 2.021   4.870   -2.088  1.00 1.00  ? 9  G A C8     1 
ATOM 277 N N7     . G A 1 9  ? 1.267   3.894   -2.522  1.00 1.00  ? 9  G A N7     1 
ATOM 278 C C5     . G A 1 9  ? 2.145   2.912   -2.874  1.00 1.00  ? 9  G A C5     1 
ATOM 279 C C6     . G A 1 9  ? 1.862   1.648   -3.409  1.00 1.00  ? 9  G A C6     1 
ATOM 280 O O6     . G A 1 9  ? 0.732   1.221   -3.672  1.00 1.00  ? 9  G A O6     1 
ATOM 281 N N1     . G A 1 9  ? 3.053   0.908   -3.642  1.00 1.00  ? 9  G A N1     1 
ATOM 282 C C2     . G A 1 9  ? 4.365   1.351   -3.394  1.00 1.00  ? 9  G A C2     1 
ATOM 283 N N2     . G A 1 9  ? 5.314   0.433   -3.733  1.00 1.00  ? 9  G A N2     1 
ATOM 284 N N3     . G A 1 9  ? 4.592   2.590   -2.872  1.00 1.00  ? 9  G A N3     1 
ATOM 285 C C4     . G A 1 9  ? 3.465   3.314   -2.640  1.00 1.00  ? 9  G A C4     1 
ATOM 286 H "H5'"  . G A 1 9  ? 3.063   9.291   -0.945  1.00 0.00  ? 9  G A "H5'"  1 
ATOM 287 H "H5''" . G A 1 9  ? 3.392   9.643   -2.683  1.00 0.00  ? 9  G A "H5''" 1 
ATOM 288 H "H4'"  . G A 1 9  ? 5.230   8.339   -1.481  1.00 0.00  ? 9  G A "H4'"  1 
ATOM 289 H "H3'"  . G A 1 9  ? 3.714   6.977   -3.800  1.00 0.00  ? 9  G A "H3'"  1 
ATOM 290 H "H2'"  . G A 1 9  ? 5.429   5.222   -3.674  1.00 0.00  ? 9  G A "H2'"  1 
ATOM 291 H "HO2'" . G A 1 9  ? 7.102   6.811   -3.100  1.00 0.00  ? 9  G A "HO2'" 1 
ATOM 292 H "H1'"  . G A 1 9  ? 5.140   4.948   -0.981  1.00 0.00  ? 9  G A "H1'"  1 
ATOM 293 H H8     . G A 1 9  ? 1.673   5.825   -1.708  1.00 0.00  ? 9  G A H8     1 
ATOM 294 H H1     . G A 1 9  ? 2.915   -0.008  -4.045  1.00 0.00  ? 9  G A H1     1 
ATOM 295 H H21    . G A 1 9  ? 5.046   -0.448  -4.129  1.00 0.00  ? 9  G A H21    1 
ATOM 296 H H22    . G A 1 9  ? 6.280   0.646   -3.597  1.00 0.00  ? 9  G A H22    1 
ATOM 297 P P      . U A 1 10 ? 5.218   8.331   -5.596  1.00 1.00  ? 10 U A P      1 
ATOM 298 O OP1    . U A 1 10 ? 6.093   9.417   -6.090  1.00 1.00  ? 10 U A OP1    1 
ATOM 299 O OP2    . U A 1 10 ? 3.763   8.466   -5.834  1.00 1.00  ? 10 U A OP2    1 
ATOM 300 O "O5'"  . U A 1 10 ? 5.706   6.955   -6.206  1.00 1.00  ? 10 U A "O5'"  1 
ATOM 301 C "C5'"  . U A 1 10 ? 7.097   6.653   -6.172  1.00 1.00  ? 10 U A "C5'"  1 
ATOM 302 C "C4'"  . U A 1 10 ? 7.369   5.182   -6.527  1.00 1.00  ? 10 U A "C4'"  1 
ATOM 303 O "O4'"  . U A 1 10 ? 6.657   4.264   -5.634  1.00 1.00  ? 10 U A "O4'"  1 
ATOM 304 C "C3'"  . U A 1 10 ? 6.882   4.809   -7.915  1.00 1.00  ? 10 U A "C3'"  1 
ATOM 305 O "O3'"  . U A 1 10 ? 7.817   5.230   -8.905  1.00 1.00  ? 10 U A "O3'"  1 
ATOM 306 C "C2'"  . U A 1 10 ? 6.754   3.296   -7.795  1.00 1.00  ? 10 U A "C2'"  1 
ATOM 307 O "O2'"  . U A 1 10 ? 8.020   2.641   -7.826  1.00 1.00  ? 10 U A "O2'"  1 
ATOM 308 C "C1'"  . U A 1 10 ? 6.114   3.170   -6.395  1.00 1.00  ? 10 U A "C1'"  1 
ATOM 309 N N1     . U A 1 10 ? 4.604   3.166   -6.394  1.00 1.00  ? 10 U A N1     1 
ATOM 310 C C2     . U A 1 10 ? 3.965   1.992   -6.912  1.00 1.00  ? 10 U A C2     1 
ATOM 311 O O2     . U A 1 10 ? 4.567   0.997   -7.332  1.00 1.00  ? 10 U A O2     1 
ATOM 312 N N3     . U A 1 10 ? 2.548   2.044   -6.910  1.00 1.00  ? 10 U A N3     1 
ATOM 313 C C4     . U A 1 10 ? 1.733   3.110   -6.452  1.00 1.00  ? 10 U A C4     1 
ATOM 314 O O4     . U A 1 10 ? 0.502   3.044   -6.502  1.00 1.00  ? 10 U A O4     1 
ATOM 315 C C5     . U A 1 10 ? 2.472   4.245   -5.934  1.00 1.00  ? 10 U A C5     1 
ATOM 316 C C6     . U A 1 10 ? 3.820   4.229   -5.928  1.00 1.00  ? 10 U A C6     1 
ATOM 317 H "H5'"  . U A 1 10 ? 7.525   6.850   -5.162  1.00 0.00  ? 10 U A "H5'"  1 
ATOM 318 H "H5''" . U A 1 10 ? 7.633   7.296   -6.906  1.00 0.00  ? 10 U A "H5''" 1 
ATOM 319 H "H4'"  . U A 1 10 ? 8.452   4.956   -6.416  1.00 0.00  ? 10 U A "H4'"  1 
ATOM 320 H "H3'"  . U A 1 10 ? 5.865   5.239   -8.077  1.00 0.00  ? 10 U A "H3'"  1 
ATOM 321 H "H2'"  . U A 1 10 ? 6.112   2.843   -8.551  1.00 0.00  ? 10 U A "H2'"  1 
ATOM 322 H "HO2'" . U A 1 10 ? 8.414   2.894   -8.665  1.00 0.00  ? 10 U A "HO2'" 1 
ATOM 323 H "H1'"  . U A 1 10 ? 6.474   2.241   -5.901  1.00 0.00  ? 10 U A "H1'"  1 
ATOM 324 H H3     . U A 1 10 ? 2.053   1.239   -7.273  1.00 0.00  ? 10 U A H3     1 
ATOM 325 H H5     . U A 1 10 ? 1.923   5.104   -5.545  1.00 0.00  ? 10 U A H5     1 
ATOM 326 H H6     . U A 1 10 ? 4.361   5.074   -5.522  1.00 0.00  ? 10 U A H6     1 
ATOM 327 P P      . G A 1 11 ? 7.345   5.783   -10.309 1.00 0.00  ? 11 G A P      1 
ATOM 328 O OP1    . G A 1 11 ? 8.456   6.550   -10.914 1.00 0.00  ? 11 G A OP1    1 
ATOM 329 O OP2    . G A 1 11 ? 6.043   6.472   -10.163 1.00 0.00  ? 11 G A OP2    1 
ATOM 330 O "O5'"  . G A 1 11 ? 7.124   4.455   -11.142 1.00 0.00  ? 11 G A "O5'"  1 
ATOM 331 C "C5'"  . G A 1 11 ? 8.269   3.674   -11.472 1.00 0.00  ? 11 G A "C5'"  1 
ATOM 332 C "C4'"  . G A 1 11 ? 7.895   2.223   -11.805 1.00 0.00  ? 11 G A "C4'"  1 
ATOM 333 O "O4'"  . G A 1 11 ? 7.090   1.615   -10.743 1.00 0.00  ? 11 G A "O4'"  1 
ATOM 334 C "C3'"  . G A 1 11 ? 7.033   2.080   -13.050 1.00 0.00  ? 11 G A "C3'"  1 
ATOM 335 O "O3'"  . G A 1 11 ? 7.820   2.164   -14.237 1.00 0.00  ? 11 G A "O3'"  1 
ATOM 336 C "C2'"  . G A 1 11 ? 6.430   0.699   -12.824 1.00 0.00  ? 11 G A "C2'"  1 
ATOM 337 O "O2'"  . G A 1 11 ? 7.368   -0.351  -13.051 1.00 0.00  ? 11 G A "O2'"  1 
ATOM 338 C "C1'"  . G A 1 11 ? 6.067   0.797   -11.331 1.00 0.00  ? 11 G A "C1'"  1 
ATOM 339 N N9     . G A 1 11 ? 4.712   1.382   -11.072 1.00 0.00  ? 11 G A N9     1 
ATOM 340 C C8     . G A 1 11 ? 4.367   2.623   -10.603 1.00 0.00  ? 11 G A C8     1 
ATOM 341 N N7     . G A 1 11 ? 3.083   2.830   -10.484 1.00 0.00  ? 11 G A N7     1 
ATOM 342 C C5     . G A 1 11 ? 2.508   1.672   -10.909 1.00 0.00  ? 11 G A C5     1 
ATOM 343 C C6     . G A 1 11 ? 1.145   1.365   -10.987 1.00 0.00  ? 11 G A C6     1 
ATOM 344 O O6     . G A 1 11 ? 0.227   2.137   -10.690 1.00 0.00  ? 11 G A O6     1 
ATOM 345 N N1     . G A 1 11 ? 0.939   0.044   -11.463 1.00 0.00  ? 11 G A N1     1 
ATOM 346 C C2     . G A 1 11 ? 1.942   -0.867  -11.842 1.00 0.00  ? 11 G A C2     1 
ATOM 347 N N2     . G A 1 11 ? 1.440   -2.062  -12.262 1.00 0.00  ? 11 G A N2     1 
ATOM 348 N N3     . G A 1 11 ? 3.258   -0.517  -11.769 1.00 0.00  ? 11 G A N3     1 
ATOM 349 C C4     . G A 1 11 ? 3.477   0.740   -11.294 1.00 0.00  ? 11 G A C4     1 
ATOM 350 H "H5'"  . G A 1 11 ? 9.003   3.650   -10.632 1.00 0.00  ? 11 G A "H5'"  1 
ATOM 351 H "H5''" . G A 1 11 ? 8.778   4.125   -12.354 1.00 0.00  ? 11 G A "H5''" 1 
ATOM 352 H "H4'"  . G A 1 11 ? 8.817   1.608   -11.900 1.00 0.00  ? 11 G A "H4'"  1 
ATOM 353 H "H3'"  . G A 1 11 ? 6.211   2.833   -13.021 1.00 0.00  ? 11 G A "H3'"  1 
ATOM 354 H "H2'"  . G A 1 11 ? 5.545   0.496   -13.427 1.00 0.00  ? 11 G A "H2'"  1 
ATOM 355 H "HO2'" . G A 1 11 ? 7.646   -0.243  -13.965 1.00 0.00  ? 11 G A "HO2'" 1 
ATOM 356 H "H1'"  . G A 1 11 ? 6.131   -0.203  -10.852 1.00 0.00  ? 11 G A "H1'"  1 
ATOM 357 H H8     . G A 1 11 ? 5.144   3.345   -10.376 1.00 0.00  ? 11 G A H8     1 
ATOM 358 H H1     . G A 1 11 ? -0.027  -0.250  -11.511 1.00 0.00  ? 11 G A H1     1 
ATOM 359 H H21    . G A 1 11 ? 0.451   -2.223  -12.270 1.00 0.00  ? 11 G A H21    1 
ATOM 360 H H22    . G A 1 11 ? 2.064   -2.787  -12.554 1.00 0.00  ? 11 G A H22    1 
ATOM 361 P P      . U A 1 12 ? 7.498   3.204   -15.388 1.00 0.00  ? 12 U A P      1 
ATOM 362 O OP1    . U A 1 12 ? 8.761   3.550   -16.078 1.00 0.00  ? 12 U A OP1    1 
ATOM 363 O OP2    . U A 1 12 ? 6.693   4.322   -14.847 1.00 0.00  ? 12 U A OP2    1 
ATOM 364 O "O5'"  . U A 1 12 ? 6.590   2.360   -16.376 1.00 0.00  ? 12 U A "O5'"  1 
ATOM 365 C "C5'"  . U A 1 12 ? 7.180   1.293   -17.114 1.00 0.00  ? 12 U A "C5'"  1 
ATOM 366 C "C4'"  . U A 1 12 ? 6.249   0.077   -17.232 1.00 0.00  ? 12 U A "C4'"  1 
ATOM 367 O "O4'"  . U A 1 12 ? 5.764   -0.360  -15.920 1.00 0.00  ? 12 U A "O4'"  1 
ATOM 368 C "C3'"  . U A 1 12 ? 4.970   0.338   -18.012 1.00 0.00  ? 12 U A "C3'"  1 
ATOM 369 O "O3'"  . U A 1 12 ? 5.181   0.350   -19.424 1.00 0.00  ? 12 U A "O3'"  1 
ATOM 370 C "C2'"  . U A 1 12 ? 4.118   -0.836  -17.555 1.00 0.00  ? 12 U A "C2'"  1 
ATOM 371 O "O2'"  . U A 1 12 ? 4.552   -2.074  -18.116 1.00 0.00  ? 12 U A "O2'"  1 
ATOM 372 C "C1'"  . U A 1 12 ? 4.400   -0.805  -16.043 1.00 0.00  ? 12 U A "C1'"  1 
ATOM 373 N N1     . U A 1 12 ? 3.431   0.068   -15.294 1.00 0.00  ? 12 U A N1     1 
ATOM 374 C C2     . U A 1 12 ? 2.103   -0.445  -15.201 1.00 0.00  ? 12 U A C2     1 
ATOM 375 O O2     . U A 1 12 ? 1.784   -1.607  -15.479 1.00 0.00  ? 12 U A O2     1 
ATOM 376 N N3     . U A 1 12 ? 1.139   0.491   -14.767 1.00 0.00  ? 12 U A N3     1 
ATOM 377 C C4     . U A 1 12 ? 1.366   1.842   -14.391 1.00 0.00  ? 12 U A C4     1 
ATOM 378 O O4     . U A 1 12 ? 0.445   2.571   -14.012 1.00 0.00  ? 12 U A O4     1 
ATOM 379 C C5     . U A 1 12 ? 2.750   2.262   -14.497 1.00 0.00  ? 12 U A C5     1 
ATOM 380 C C6     . U A 1 12 ? 3.683   1.400   -14.944 1.00 0.00  ? 12 U A C6     1 
ATOM 381 H "H5'"  . U A 1 12 ? 8.135   0.939   -16.656 1.00 0.00  ? 12 U A "H5'"  1 
ATOM 382 H "H5''" . U A 1 12 ? 7.420   1.657   -18.137 1.00 0.00  ? 12 U A "H5''" 1 
ATOM 383 H "H4'"  . U A 1 12 ? 6.805   -0.780  -17.673 1.00 0.00  ? 12 U A "H4'"  1 
ATOM 384 H "H3'"  . U A 1 12 ? 4.517   1.290   -17.645 1.00 0.00  ? 12 U A "H3'"  1 
ATOM 385 H "H2'"  . U A 1 12 ? 3.049   -0.725  -17.744 1.00 0.00  ? 12 U A "H2'"  1 
ATOM 386 H "HO2'" . U A 1 12 ? 4.659   -1.897  -19.054 1.00 0.00  ? 12 U A "HO2'" 1 
ATOM 387 H "H1'"  . U A 1 12 ? 4.369   -1.834  -15.624 1.00 0.00  ? 12 U A "H1'"  1 
ATOM 388 H H3     . U A 1 12 ? 0.186   0.150   -14.729 1.00 0.00  ? 12 U A H3     1 
ATOM 389 H H5     . U A 1 12 ? 3.018   3.282   -14.221 1.00 0.00  ? 12 U A H5     1 
ATOM 390 H H6     . U A 1 12 ? 4.712   1.722   -15.044 1.00 0.00  ? 12 U A H6     1 
ATOM 391 P P      . U A 1 13 ? 4.193   1.197   -20.336 1.00 46.64 ? 13 U A P      1 
ATOM 392 O OP1    . U A 1 13 ? 4.724   1.201   -21.717 1.00 56.93 ? 13 U A OP1    1 
ATOM 393 O OP2    . U A 1 13 ? 3.948   2.511   -19.702 1.00 32.38 ? 13 U A OP2    1 
ATOM 394 O "O5'"  . U A 1 13 ? 2.847   0.353   -20.292 1.00 26.86 ? 13 U A "O5'"  1 
ATOM 395 C "C5'"  . U A 1 13 ? 2.824   -0.892  -20.985 1.00 35.20 ? 13 U A "C5'"  1 
ATOM 396 C "C4'"  . U A 1 13 ? 1.410   -1.488  -21.071 1.00 45.98 ? 13 U A "C4'"  1 
ATOM 397 O "O4'"  . U A 1 13 ? 0.791   -1.658  -19.758 1.00 50.88 ? 13 U A "O4'"  1 
ATOM 398 C "C3'"  . U A 1 13 ? 0.436   -0.584  -21.793 1.00 39.85 ? 13 U A "C3'"  1 
ATOM 399 O "O3'"  . U A 1 13 ? 0.678   -0.578  -23.201 1.00 48.03 ? 13 U A "O3'"  1 
ATOM 400 C "C2'"  . U A 1 13 ? -0.891  -1.219  -21.400 1.00 40.06 ? 13 U A "C2'"  1 
ATOM 401 O "O2'"  . U A 1 13 ? -1.146  -2.424  -22.121 1.00 44.52 ? 13 U A "O2'"  1 
ATOM 402 C "C1'"  . U A 1 13 ? -0.639  -1.534  -19.903 1.00 45.26 ? 13 U A "C1'"  1 
ATOM 403 N N1     . U A 1 13 ? -1.197  -0.504  -18.957 1.00 38.99 ? 13 U A N1     1 
ATOM 404 C C2     . U A 1 13 ? -2.568  -0.660  -18.569 1.00 29.79 ? 13 U A C2     1 
ATOM 405 O O2     . U A 1 13 ? -3.263  -1.639  -18.863 1.00 31.88 ? 13 U A O2     1 
ATOM 406 N N3     . U A 1 13 ? -3.100  0.419   -17.816 1.00 17.61 ? 13 U A N3     1 
ATOM 407 C C4     . U A 1 13 ? -2.416  1.603   -17.438 1.00 31.42 ? 13 U A C4     1 
ATOM 408 O O4     . U A 1 13 ? -2.974  2.487   -16.778 1.00 23.03 ? 13 U A O4     1 
ATOM 409 C C5     . U A 1 13 ? -1.034  1.670   -17.886 1.00 28.82 ? 13 U A C5     1 
ATOM 410 C C6     . U A 1 13 ? -0.506  0.661   -18.609 1.00 23.80 ? 13 U A C6     1 
ATOM 411 H "H5'"  . U A 1 13 ? 3.483   -1.625  -20.471 1.00 0.00  ? 13 U A "H5'"  1 
ATOM 412 H "H5''" . U A 1 13 ? 3.198   -0.769  -22.030 1.00 0.00  ? 13 U A "H5''" 1 
ATOM 413 H "H4'"  . U A 1 13 ? 1.449   -2.491  -21.547 1.00 0.00  ? 13 U A "H4'"  1 
ATOM 414 H "H3'"  . U A 1 13 ? 0.486   0.438   -21.343 1.00 0.00  ? 13 U A "H3'"  1 
ATOM 415 H "H2'"  . U A 1 13 ? -1.751  -0.559  -21.507 1.00 0.00  ? 13 U A "H2'"  1 
ATOM 416 H "HO2'" . U A 1 13 ? -2.067  -2.653  -21.948 1.00 0.00  ? 13 U A "HO2'" 1 
ATOM 417 H "H1'"  . U A 1 13 ? -1.054  -2.533  -19.651 1.00 0.00  ? 13 U A "H1'"  1 
ATOM 418 H H3     . U A 1 13 ? -4.072  0.350   -17.535 1.00 0.00  ? 13 U A H3     1 
ATOM 419 H H5     . U A 1 13 ? -0.441  2.550   -17.640 1.00 0.00  ? 13 U A H5     1 
ATOM 420 H H6     . U A 1 13 ? 0.519   0.717   -18.972 1.00 0.00  ? 13 U A H6     1 
ATOM 421 P P      . G A 1 14 ? 0.544   0.783   -23.991 1.00 43.63 ? 14 G A P      1 
ATOM 422 O OP1    . G A 1 14 ? 0.842   0.538   -25.420 1.00 64.56 ? 14 G A OP1    1 
ATOM 423 O OP2    . G A 1 14 ? 1.317   1.840   -23.301 1.00 36.61 ? 14 G A OP2    1 
ATOM 424 O "O5'"  . G A 1 14 ? -1.000  1.084   -23.844 1.00 28.91 ? 14 G A "O5'"  1 
ATOM 425 C "C5'"  . G A 1 14 ? -1.466  2.369   -24.245 1.00 29.01 ? 14 G A "C5'"  1 
ATOM 426 C "C4'"  . G A 1 14 ? -2.944  2.320   -24.646 1.00 27.64 ? 14 G A "C4'"  1 
ATOM 427 O "O4'"  . G A 1 14 ? -3.150  1.427   -25.786 1.00 38.10 ? 14 G A "O4'"  1 
ATOM 428 C "C3'"  . G A 1 14 ? -3.840  1.753   -23.555 1.00 32.19 ? 14 G A "C3'"  1 
ATOM 429 O "O3'"  . G A 1 14 ? -4.180  2.745   -22.587 1.00 40.82 ? 14 G A "O3'"  1 
ATOM 430 C "C2'"  . G A 1 14 ? -5.038  1.270   -24.358 1.00 37.08 ? 14 G A "C2'"  1 
ATOM 431 O "O2'"  . G A 1 14 ? -5.878  2.344   -24.775 1.00 37.59 ? 14 G A "O2'"  1 
ATOM 432 C "C1'"  . G A 1 14 ? -4.324  0.632   -25.566 1.00 27.61 ? 14 G A "C1'"  1 
ATOM 433 N N9     . G A 1 14 ? -3.946  -0.803  -25.373 1.00 0.00  ? 14 G A N9     1 
ATOM 434 C C8     . G A 1 14 ? -2.711  -1.395  -25.354 1.00 0.00  ? 14 G A C8     1 
ATOM 435 N N7     . G A 1 14 ? -2.729  -2.699  -25.236 1.00 0.00  ? 14 G A N7     1 
ATOM 436 C C5     . G A 1 14 ? -4.055  -3.020  -25.169 1.00 0.00  ? 14 G A C5     1 
ATOM 437 C C6     . G A 1 14 ? -4.636  -4.291  -25.041 1.00 0.00  ? 14 G A C6     1 
ATOM 438 O O6     . G A 1 14 ? -4.017  -5.359  -24.975 1.00 0.00  ? 14 G A O6     1 
ATOM 439 N N1     . G A 1 14 ? -6.055  -4.207  -25.002 1.00 0.00  ? 14 G A N1     1 
ATOM 440 C C2     . G A 1 14 ? -6.818  -3.028  -25.076 1.00 0.00  ? 14 G A C2     1 
ATOM 441 N N2     . G A 1 14 ? -8.161  -3.247  -24.993 1.00 0.00  ? 14 G A N2     1 
ATOM 442 N N3     . G A 1 14 ? -6.210  -1.817  -25.213 1.00 0.00  ? 14 G A N3     1 
ATOM 443 C C4     . G A 1 14 ? -4.851  -1.874  -25.247 1.00 0.00  ? 14 G A C4     1 
ATOM 444 H "H5'"  . G A 1 14 ? -0.887  2.775   -25.108 1.00 0.00  ? 14 G A "H5'"  1 
ATOM 445 H "H5''" . G A 1 14 ? -1.352  3.073   -23.391 1.00 0.00  ? 14 G A "H5''" 1 
ATOM 446 H "H4'"  . G A 1 14 ? -3.293  3.326   -24.963 1.00 0.00  ? 14 G A "H4'"  1 
ATOM 447 H "H3'"  . G A 1 14 ? -3.352  0.856   -23.101 1.00 0.00  ? 14 G A "H3'"  1 
ATOM 448 H "H2'"  . G A 1 14 ? -5.658  0.537   -23.841 1.00 0.00  ? 14 G A "H2'"  1 
ATOM 449 H "HO2'" . G A 1 14 ? -6.002  2.884   -23.991 1.00 0.00  ? 14 G A "HO2'" 1 
ATOM 450 H "H1'"  . G A 1 14 ? -4.956  0.723   -26.476 1.00 0.00  ? 14 G A "H1'"  1 
ATOM 451 H H8     . G A 1 14 ? -1.820  -0.775  -25.461 1.00 0.00  ? 14 G A H8     1 
ATOM 452 H H1     . G A 1 14 ? -6.534  -5.090  -24.904 1.00 0.00  ? 14 G A H1     1 
ATOM 453 H H21    . G A 1 14 ? -8.517  -4.174  -24.881 1.00 0.00  ? 14 G A H21    1 
ATOM 454 H H22    . G A 1 14 ? -8.789  -2.470  -25.029 1.00 0.00  ? 14 G A H22    1 
ATOM 455 P P      . G A 1 15 ? -4.032  2.431   -21.043 1.00 34.70 ? 15 G A P      1 
ATOM 456 O OP1    . G A 1 15 ? -4.307  3.665   -20.275 1.00 24.34 ? 15 G A OP1    1 
ATOM 457 O OP2    . G A 1 15 ? -2.736  1.759   -20.806 1.00 37.33 ? 15 G A OP2    1 
ATOM 458 O "O5'"  . G A 1 15 ? -5.202  1.392   -20.798 1.00 20.77 ? 15 G A "O5'"  1 
ATOM 459 C "C5'"  . G A 1 15 ? -6.540  1.884   -20.833 1.00 19.81 ? 15 G A "C5'"  1 
ATOM 460 C "C4'"  . G A 1 15 ? -7.570  0.745   -20.872 1.00 22.36 ? 15 G A "C4'"  1 
ATOM 461 O "O4'"  . G A 1 15 ? -7.382  -0.116  -22.039 1.00 23.18 ? 15 G A "O4'"  1 
ATOM 462 C "C3'"  . G A 1 15 ? -7.448  -0.204  -19.696 1.00 23.44 ? 15 G A "C3'"  1 
ATOM 463 O "O3'"  . G A 1 15 ? -8.067  0.339   -18.528 1.00 37.12 ? 15 G A "O3'"  1 
ATOM 464 C "C2'"  . G A 1 15 ? -8.144  -1.451  -20.221 1.00 26.79 ? 15 G A "C2'"  1 
ATOM 465 O "O2'"  . G A 1 15 ? -9.564  -1.313  -20.236 1.00 29.84 ? 15 G A "O2'"  1 
ATOM 466 C "C1'"  . G A 1 15 ? -7.584  -1.486  -21.659 1.00 23.36 ? 15 G A "C1'"  1 
ATOM 467 N N9     . G A 1 15 ? -6.305  -2.247  -21.783 1.00 0.00  ? 15 G A N9     1 
ATOM 468 C C8     . G A 1 15 ? -5.015  -1.795  -21.848 1.00 0.00  ? 15 G A C8     1 
ATOM 469 N N7     . G A 1 15 ? -4.106  -2.733  -21.847 1.00 0.00  ? 15 G A N7     1 
ATOM 470 C C5     . G A 1 15 ? -4.811  -3.897  -21.783 1.00 0.00  ? 15 G A C5     1 
ATOM 471 C C6     . G A 1 15 ? -4.318  -5.209  -21.761 1.00 0.00  ? 15 G A C6     1 
ATOM 472 O O6     . G A 1 15 ? -3.122  -5.523  -21.774 1.00 0.00  ? 15 G A O6     1 
ATOM 473 N N1     . G A 1 15 ? -5.378  -6.156  -21.715 1.00 0.00  ? 15 G A N1     1 
ATOM 474 C C2     . G A 1 15 ? -6.754  -5.859  -21.681 1.00 0.00  ? 15 G A C2     1 
ATOM 475 N N2     . G A 1 15 ? -7.545  -6.968  -21.642 1.00 0.00  ? 15 G A N2     1 
ATOM 476 N N3     . G A 1 15 ? -7.184  -4.566  -21.692 1.00 0.00  ? 15 G A N3     1 
ATOM 477 C C4     . G A 1 15 ? -6.185  -3.646  -21.745 1.00 0.00  ? 15 G A C4     1 
ATOM 478 H "H5'"  . G A 1 15 ? -6.707  2.531   -21.726 1.00 0.00  ? 15 G A "H5'"  1 
ATOM 479 H "H5''" . G A 1 15 ? -6.731  2.496   -19.923 1.00 0.00  ? 15 G A "H5''" 1 
ATOM 480 H "H4'"  . G A 1 15 ? -8.599  1.159   -20.944 1.00 0.00  ? 15 G A "H4'"  1 
ATOM 481 H "H3'"  . G A 1 15 ? -6.366  -0.449  -19.545 1.00 0.00  ? 15 G A "H3'"  1 
ATOM 482 H "H2'"  . G A 1 15 ? -7.896  -2.370  -19.689 1.00 0.00  ? 15 G A "H2'"  1 
ATOM 483 H "HO2'" . G A 1 15 ? -9.791  -0.991  -19.359 1.00 0.00  ? 15 G A "HO2'" 1 
ATOM 484 H "H1'"  . G A 1 15 ? -8.335  -1.913  -22.356 1.00 0.00  ? 15 G A "H1'"  1 
ATOM 485 H H8     . G A 1 15 ? -4.826  -0.727  -21.905 1.00 0.00  ? 15 G A H8     1 
ATOM 486 H H1     . G A 1 15 ? -5.087  -7.123  -21.699 1.00 0.00  ? 15 G A H1     1 
ATOM 487 H H21    . G A 1 15 ? -7.139  -7.882  -21.635 1.00 0.00  ? 15 G A H21    1 
ATOM 488 H H22    . G A 1 15 ? -8.538  -6.864  -21.611 1.00 0.00  ? 15 G A H22    1 
ATOM 489 P P      . G A 1 16 ? -7.336  0.092   -17.148 1.00 0.00  ? 16 G A P      1 
ATOM 490 O OP1    . G A 1 16 ? -5.995  0.714   -17.192 1.00 0.00  ? 16 G A OP1    1 
ATOM 491 O OP2    . G A 1 16 ? -7.404  -1.352  -16.827 1.00 0.00  ? 16 G A OP2    1 
ATOM 492 O "O5'"  . G A 1 16 ? -8.248  0.907   -16.146 1.00 0.00  ? 16 G A "O5'"  1 
ATOM 493 C "C5'"  . G A 1 16 ? -9.441  0.339   -15.612 1.00 0.00  ? 16 G A "C5'"  1 
ATOM 494 C "C4'"  . G A 1 16 ? -9.429  0.212   -14.071 1.00 0.00  ? 16 G A "C4'"  1 
ATOM 495 O "O4'"  . G A 1 16 ? -8.292  -0.583  -13.612 1.00 0.00  ? 16 G A "O4'"  1 
ATOM 496 C "C3'"  . G A 1 16 ? -9.296  1.537   -13.337 1.00 0.00  ? 16 G A "C3'"  1 
ATOM 497 O "O3'"  . G A 1 16 ? -9.905  1.422   -12.050 1.00 0.00  ? 16 G A "O3'"  1 
ATOM 498 C "C2'"  . G A 1 16 ? -7.789  1.714   -13.201 1.00 0.00  ? 16 G A "C2'"  1 
ATOM 499 O "O2'"  . G A 1 16 ? -7.429  2.576   -12.123 1.00 0.00  ? 16 G A "O2'"  1 
ATOM 500 C "C1'"  . G A 1 16 ? -7.293  0.258   -13.012 1.00 0.00  ? 16 G A "C1'"  1 
ATOM 501 N N9     . G A 1 16 ? -5.967  -0.063  -13.634 1.00 0.00  ? 16 G A N9     1 
ATOM 502 C C8     . G A 1 16 ? -5.617  -1.170  -14.364 1.00 0.00  ? 16 G A C8     1 
ATOM 503 N N7     . G A 1 16 ? -4.367  -1.211  -14.748 1.00 0.00  ? 16 G A N7     1 
ATOM 504 C C5     . G A 1 16 ? -3.818  -0.073  -14.236 1.00 0.00  ? 16 G A C5     1 
ATOM 505 C C6     . G A 1 16 ? -2.494  0.360   -14.338 1.00 0.00  ? 16 G A C6     1 
ATOM 506 O O6     . G A 1 16 ? -1.594  -0.248  -14.923 1.00 0.00  ? 16 G A O6     1 
ATOM 507 N N1     . G A 1 16 ? -2.306  1.605   -13.674 1.00 0.00  ? 16 G A N1     1 
ATOM 508 C C2     . G A 1 16 ? -3.288  2.332   -12.986 1.00 0.00  ? 16 G A C2     1 
ATOM 509 N N2     . G A 1 16 ? -2.818  3.496   -12.453 1.00 0.00  ? 16 G A N2     1 
ATOM 510 N N3     . G A 1 16 ? -4.560  1.861   -12.901 1.00 0.00  ? 16 G A N3     1 
ATOM 511 C C4     . G A 1 16 ? -4.769  0.677   -13.537 1.00 0.00  ? 16 G A C4     1 
ATOM 512 H "H5'"  . G A 1 16 ? -9.663  -0.667  -16.039 1.00 0.00  ? 16 G A "H5'"  1 
ATOM 513 H "H5''" . G A 1 16 ? -10.292 0.995   -15.896 1.00 0.00  ? 16 G A "H5''" 1 
ATOM 514 H "H4'"  . G A 1 16 ? -10.355 -0.321  -13.765 1.00 0.00  ? 16 G A "H4'"  1 
ATOM 515 H "H3'"  . G A 1 16 ? -9.720  2.375   -13.937 1.00 0.00  ? 16 G A "H3'"  1 
ATOM 516 H "H2'"  . G A 1 16 ? -7.393  2.190   -14.098 1.00 0.00  ? 16 G A "H2'"  1 
ATOM 517 H "HO2'" . G A 1 16 ? -8.047  2.359   -11.420 1.00 0.00  ? 16 G A "HO2'" 1 
ATOM 518 H "H1'"  . G A 1 16 ? -7.292  -0.003  -11.932 1.00 0.00  ? 16 G A "H1'"  1 
ATOM 519 H H8     . G A 1 16 ? -6.371  -1.931  -14.566 1.00 0.00  ? 16 G A H8     1 
ATOM 520 H H1     . G A 1 16 ? -1.375  1.998   -13.726 1.00 0.00  ? 16 G A H1     1 
ATOM 521 H H21    . G A 1 16 ? -1.858  3.751   -12.564 1.00 0.00  ? 16 G A H21    1 
ATOM 522 H H22    . G A 1 16 ? -3.441  4.093   -11.947 1.00 0.00  ? 16 G A H22    1 
ATOM 523 P P      . U A 1 17 ? -11.340 2.021   -11.786 1.00 0.00  ? 17 U A P      1 
ATOM 524 O OP1    . U A 1 17 ? -12.063 2.184   -13.068 1.00 0.00  ? 17 U A OP1    1 
ATOM 525 O OP2    . U A 1 17 ? -11.215 3.209   -10.912 1.00 0.00  ? 17 U A OP2    1 
ATOM 526 O "O5'"  . U A 1 17 ? -12.015 0.844   -10.982 1.00 0.00  ? 17 U A "O5'"  1 
ATOM 527 C "C5'"  . U A 1 17 ? -11.571 0.530   -9.664  1.00 0.00  ? 17 U A "C5'"  1 
ATOM 528 C "C4'"  . U A 1 17 ? -11.534 -0.989  -9.399  1.00 0.00  ? 17 U A "C4'"  1 
ATOM 529 O "O4'"  . U A 1 17 ? -12.822 -1.604  -9.737  1.00 0.00  ? 17 U A "O4'"  1 
ATOM 530 C "C3'"  . U A 1 17 ? -10.492 -1.716  -10.255 1.00 0.00  ? 17 U A "C3'"  1 
ATOM 531 O "O3'"  . U A 1 17 ? -9.934  -2.801  -9.510  1.00 0.00  ? 17 U A "O3'"  1 
ATOM 532 C "C2'"  . U A 1 17 ? -11.315 -2.227  -11.433 1.00 0.00  ? 17 U A "C2'"  1 
ATOM 533 O "O2'"  . U A 1 17 ? -10.716 -3.312  -12.133 1.00 0.00  ? 17 U A "O2'"  1 
ATOM 534 C "C1'"  . U A 1 17 ? -12.618 -2.622  -10.720 1.00 0.00  ? 17 U A "C1'"  1 
ATOM 535 N N1     . U A 1 17 ? -13.817 -2.712  -11.611 1.00 0.00  ? 17 U A N1     1 
ATOM 536 C C2     . U A 1 17 ? -14.445 -3.988  -11.767 1.00 0.00  ? 17 U A C2     1 
ATOM 537 O O2     . U A 1 17 ? -14.099 -5.012  -11.169 1.00 0.00  ? 17 U A O2     1 
ATOM 538 N N3     . U A 1 17 ? -15.525 -4.001  -12.687 1.00 0.00  ? 17 U A N3     1 
ATOM 539 C C4     . U A 1 17 ? -16.010 -2.900  -13.442 1.00 0.00  ? 17 U A C4     1 
ATOM 540 O O4     . U A 1 17 ? -16.961 -3.026  -14.219 1.00 0.00  ? 17 U A O4     1 
ATOM 541 C C5     . U A 1 17 ? -15.296 -1.654  -13.216 1.00 0.00  ? 17 U A C5     1 
ATOM 542 C C6     . U A 1 17 ? -14.267 -1.614  -12.343 1.00 0.00  ? 17 U A C6     1 
ATOM 543 H "H5'"  . U A 1 17 ? -12.276 0.995   -8.941  1.00 0.00  ? 17 U A "H5'"  1 
ATOM 544 H "H5''" . U A 1 17 ? -10.556 0.939   -9.445  1.00 0.00  ? 17 U A "H5''" 1 
ATOM 545 H "H4'"  . U A 1 17 ? -11.352 -1.157  -8.316  1.00 0.00  ? 17 U A "H4'"  1 
ATOM 546 H "H3'"  . U A 1 17 ? -9.710  -1.011  -10.622 1.00 0.00  ? 17 U A "H3'"  1 
ATOM 547 H "H2'"  . U A 1 17 ? -11.459 -1.439  -12.172 1.00 0.00  ? 17 U A "H2'"  1 
ATOM 548 H "HO2'" . U A 1 17 ? -10.371 -3.888  -11.445 1.00 0.00  ? 17 U A "HO2'" 1 
ATOM 549 H "H1'"  . U A 1 17 ? -12.454 -3.558  -10.142 1.00 0.00  ? 17 U A "H1'"  1 
ATOM 550 H H3     . U A 1 17 ? -15.994 -4.885  -12.821 1.00 0.00  ? 17 U A H3     1 
ATOM 551 H H5     . U A 1 17 ? -15.603 -0.759  -13.758 1.00 0.00  ? 17 U A H5     1 
ATOM 552 H H6     . U A 1 17 ? -13.722 -0.689  -12.162 1.00 0.00  ? 17 U A H6     1 
ATOM 553 P P      . C A 1 18 ? -8.534  -2.632  -8.789  1.00 0.00  ? 18 C A P      1 
ATOM 554 O OP1    . C A 1 18 ? -8.416  -3.663  -7.736  1.00 0.00  ? 18 C A OP1    1 
ATOM 555 O OP2    . C A 1 18 ? -8.361  -1.219  -8.379  1.00 0.00  ? 18 C A OP2    1 
ATOM 556 O "O5'"  . C A 1 18 ? -7.505  -2.949  -9.949  1.00 0.00  ? 18 C A "O5'"  1 
ATOM 557 C "C5'"  . C A 1 18 ? -7.538  -4.234  -10.560 1.00 0.00  ? 18 C A "C5'"  1 
ATOM 558 C "C4'"  . C A 1 18 ? -6.217  -4.591  -11.260 1.00 0.00  ? 18 C A "C4'"  1 
ATOM 559 O "O4'"  . C A 1 18 ? -5.764  -3.534  -12.168 1.00 0.00  ? 18 C A "O4'"  1 
ATOM 560 C "C3'"  . C A 1 18 ? -5.050  -4.766  -10.303 1.00 0.00  ? 18 C A "C3'"  1 
ATOM 561 O "O3'"  . C A 1 18 ? -5.104  -6.018  -9.622  1.00 0.00  ? 18 C A "O3'"  1 
ATOM 562 C "C2'"  . C A 1 18 ? -3.880  -4.653  -11.266 1.00 0.00  ? 18 C A "C2'"  1 
ATOM 563 O "O2'"  . C A 1 18 ? -3.745  -5.802  -12.100 1.00 0.00  ? 18 C A "O2'"  1 
ATOM 564 C "C1'"  . C A 1 18 ? -4.327  -3.429  -12.087 1.00 0.00  ? 18 C A "C1'"  1 
ATOM 565 N N1     . C A 1 18 ? -3.878  -2.113  -11.501 1.00 0.00  ? 18 C A N1     1 
ATOM 566 C C2     . C A 1 18 ? -2.480  -1.784  -11.604 1.00 0.00  ? 18 C A C2     1 
ATOM 567 O O2     . C A 1 18 ? -1.676  -2.529  -12.193 1.00 0.00  ? 18 C A O2     1 
ATOM 568 N N3     . C A 1 18 ? -2.039  -0.609  -11.026 1.00 0.00  ? 18 C A N3     1 
ATOM 569 C C4     . C A 1 18 ? -2.884  0.226   -10.367 1.00 0.00  ? 18 C A C4     1 
ATOM 570 N N4     . C A 1 18 ? -2.448  1.372   -9.771  1.00 0.00  ? 18 C A N4     1 
ATOM 571 C C5     . C A 1 18 ? -4.289  -0.089  -10.285 1.00 0.00  ? 18 C A C5     1 
ATOM 572 C C6     . C A 1 18 ? -4.725  -1.229  -10.839 1.00 0.00  ? 18 C A C6     1 
ATOM 573 H "H5'"  . C A 1 18 ? -8.346  -4.264  -11.323 1.00 0.00  ? 18 C A "H5'"  1 
ATOM 574 H "H5''" . C A 1 18 ? -7.733  -5.042  -9.812  1.00 0.00  ? 18 C A "H5''" 1 
ATOM 575 H "H4'"  . C A 1 18 ? -6.348  -5.512  -11.864 1.00 0.00  ? 18 C A "H4'"  1 
ATOM 576 H "H3'"  . C A 1 18 ? -5.051  -3.883  -9.613  1.00 0.00  ? 18 C A "H3'"  1 
ATOM 577 H "H2'"  . C A 1 18 ? -2.919  -4.468  -10.786 1.00 0.00  ? 18 C A "H2'"  1 
ATOM 578 H "HO2'" . C A 1 18 ? -3.954  -6.504  -11.470 1.00 0.00  ? 18 C A "HO2'" 1 
ATOM 579 H "H1'"  . C A 1 18 ? -3.936  -3.522  -13.127 1.00 0.00  ? 18 C A "H1'"  1 
ATOM 580 H H41    . C A 1 18 ? -1.467  1.576   -9.815  1.00 0.00  ? 18 C A H41    1 
ATOM 581 H H42    . C A 1 18 ? -3.093  1.940   -9.274  1.00 0.00  ? 18 C A H42    1 
ATOM 582 H H5     . C A 1 18 ? -4.970  0.592   -9.779  1.00 0.00  ? 18 C A H5     1 
ATOM 583 H H6     . C A 1 18 ? -5.775  -1.504  -10.805 1.00 0.00  ? 18 C A H6     1 
ATOM 584 P P      . G A 1 19 ? -4.528  -6.142  -8.149  1.00 1.00  ? 19 G A P      1 
ATOM 585 O OP1    . G A 1 19 ? -5.037  -7.395  -7.550  1.00 1.00  ? 19 G A OP1    1 
ATOM 586 O OP2    . G A 1 19 ? -4.775  -4.884  -7.410  1.00 1.00  ? 19 G A OP2    1 
ATOM 587 O "O5'"  . G A 1 19 ? -2.966  -6.280  -8.389  1.00 1.00  ? 19 G A "O5'"  1 
ATOM 588 C "C5'"  . G A 1 19 ? -2.488  -7.502  -8.945  1.00 1.00  ? 19 G A "C5'"  1 
ATOM 589 C "C4'"  . G A 1 19 ? -1.029  -7.388  -9.419  1.00 1.00  ? 19 G A "C4'"  1 
ATOM 590 O "O4'"  . G A 1 19 ? -0.844  -6.239  -10.309 1.00 1.00  ? 19 G A "O4'"  1 
ATOM 591 C "C3'"  . G A 1 19 ? -0.030  -7.151  -8.295  1.00 1.00  ? 19 G A "C3'"  1 
ATOM 592 O "O3'"  . G A 1 19 ? 0.315   -8.356  -7.612  1.00 1.00  ? 19 G A "O3'"  1 
ATOM 593 C "C2'"  . G A 1 19 ? 1.146   -6.572  -9.069  1.00 1.00  ? 19 G A "C2'"  1 
ATOM 594 O "O2'"  . G A 1 19 ? 1.854   -7.566  -9.807  1.00 1.00  ? 19 G A "O2'"  1 
ATOM 595 C "C1'"  . G A 1 19 ? 0.412   -5.608  -10.015 1.00 1.00  ? 19 G A "C1'"  1 
ATOM 596 N N9     . G A 1 19 ? 0.201   -4.246  -9.431  1.00 1.00  ? 19 G A N9     1 
ATOM 597 C C8     . G A 1 19 ? -0.949  -3.640  -9.006  1.00 1.00  ? 19 G A C8     1 
ATOM 598 N N7     . G A 1 19 ? -0.795  -2.425  -8.549  1.00 1.00  ? 19 G A N7     1 
ATOM 599 C C5     . G A 1 19 ? 0.544   -2.189  -8.650  1.00 1.00  ? 19 G A C5     1 
ATOM 600 C C6     . G A 1 19 ? 1.246   -1.038  -8.284  1.00 1.00  ? 19 G A C6     1 
ATOM 601 O O6     . G A 1 19 ? 0.729   -0.008  -7.843  1.00 1.00  ? 19 G A O6     1 
ATOM 602 N N1     . G A 1 19 ? 2.643   -1.193  -8.493  1.00 1.00  ? 19 G A N1     1 
ATOM 603 C C2     . G A 1 19 ? 3.279   -2.330  -9.025  1.00 1.00  ? 19 G A C2     1 
ATOM 604 N N2     . G A 1 19 ? 4.632   -2.196  -9.109  1.00 1.00  ? 19 G A N2     1 
ATOM 605 N N3     . G A 1 19 ? 2.549   -3.419  -9.397  1.00 1.00  ? 19 G A N3     1 
ATOM 606 C C4     . G A 1 19 ? 1.210   -3.298  -9.181  1.00 1.00  ? 19 G A C4     1 
ATOM 607 H "H5'"  . G A 1 19 ? -3.100  -7.815  -9.822  1.00 0.00  ? 19 G A "H5'"  1 
ATOM 608 H "H5''" . G A 1 19 ? -2.543  -8.308  -8.175  1.00 0.00  ? 19 G A "H5''" 1 
ATOM 609 H "H4'"  . G A 1 19 ? -0.743  -8.299  -9.985  1.00 0.00  ? 19 G A "H4'"  1 
ATOM 610 H "H3'"  . G A 1 19 ? -0.449  -6.360  -7.621  1.00 0.00  ? 19 G A "H3'"  1 
ATOM 611 H "H2'"  . G A 1 19 ? 1.864   -6.035  -8.449  1.00 0.00  ? 19 G A "H2'"  1 
ATOM 612 H "HO2'" . G A 1 19 ? 1.805   -8.300  -9.176  1.00 0.00  ? 19 G A "HO2'" 1 
ATOM 613 H "H1'"  . G A 1 19 ? 0.978   -5.525  -10.968 1.00 0.00  ? 19 G A "H1'"  1 
ATOM 614 H H8     . G A 1 19 ? -1.881  -4.214  -9.029  1.00 0.00  ? 19 G A H8     1 
ATOM 615 H H1     . G A 1 19 ? 3.214   -0.416  -8.222  1.00 0.00  ? 19 G A H1     1 
ATOM 616 H H21    . G A 1 19 ? 5.056   -1.349  -8.803  1.00 0.00  ? 19 G A H21    1 
ATOM 617 H H22    . G A 1 19 ? 5.131   -2.969  -9.476  1.00 0.00  ? 19 G A H22    1 
ATOM 618 P P      . C A 1 20 ? 0.388   -8.398  -6.029  1.00 1.00  ? 20 C A P      1 
ATOM 619 O OP1    . C A 1 20 ? 0.615   -9.798  -5.608  1.00 1.00  ? 20 C A OP1    1 
ATOM 620 O OP2    . C A 1 20 ? -0.797  -7.705  -5.476  1.00 1.00  ? 20 C A OP2    1 
ATOM 621 O "O5'"  . C A 1 20 ? 1.681   -7.543  -5.693  1.00 1.00  ? 20 C A "O5'"  1 
ATOM 622 C "C5'"  . C A 1 20 ? 2.964   -8.076  -6.002  1.00 1.00  ? 20 C A "C5'"  1 
ATOM 623 C "C4'"  . C A 1 20 ? 4.062   -6.996  -5.981  1.00 1.00  ? 20 C A "C4'"  1 
ATOM 624 O "O4'"  . C A 1 20 ? 3.722   -5.871  -6.858  1.00 1.00  ? 20 C A "O4'"  1 
ATOM 625 C "C3'"  . C A 1 20 ? 4.271   -6.357  -4.616  1.00 1.00  ? 20 C A "C3'"  1 
ATOM 626 O "O3'"  . C A 1 20 ? 5.136   -7.125  -3.781  1.00 1.00  ? 20 C A "O3'"  1 
ATOM 627 C "C2'"  . C A 1 20 ? 4.900   -5.024  -4.995  1.00 1.00  ? 20 C A "C2'"  1 
ATOM 628 O "O2'"  . C A 1 20 ? 6.272   -5.157  -5.367  1.00 1.00  ? 20 C A "O2'"  1 
ATOM 629 C "C1'"  . C A 1 20 ? 4.051   -4.628  -6.213  1.00 1.00  ? 20 C A "C1'"  1 
ATOM 630 N N1     . C A 1 20 ? 2.833   -3.800  -5.877  1.00 1.00  ? 20 C A N1     1 
ATOM 631 C C2     . C A 1 20 ? 3.063   -2.453  -5.429  1.00 1.00  ? 20 C A C2     1 
ATOM 632 O O2     . C A 1 20 ? 4.211   -1.977  -5.358  1.00 1.00  ? 20 C A O2     1 
ATOM 633 N N3     . C A 1 20 ? 1.972   -1.673  -5.100  1.00 1.00  ? 20 C A N3     1 
ATOM 634 C C4     . C A 1 20 ? 0.700   -2.138  -5.216  1.00 1.00  ? 20 C A C4     1 
ATOM 635 N N4     . C A 1 20 ? -0.378  -1.345  -4.952  1.00 1.00  ? 20 C A N4     1 
ATOM 636 C C5     . C A 1 20 ? 0.466   -3.491  -5.654  1.00 1.00  ? 20 C A C5     1 
ATOM 637 C C6     . C A 1 20 ? 1.522   -4.255  -5.972  1.00 1.00  ? 20 C A C6     1 
ATOM 638 H "H5'"  . C A 1 20 ? 2.972   -8.544  -7.013  1.00 0.00  ? 20 C A "H5'"  1 
ATOM 639 H "H5''" . C A 1 20 ? 3.226   -8.859  -5.251  1.00 0.00  ? 20 C A "H5''" 1 
ATOM 640 H "H4'"  . C A 1 20 ? 5.019   -7.424  -6.346  1.00 0.00  ? 20 C A "H4'"  1 
ATOM 641 H "H3'"  . C A 1 20 ? 3.257   -6.174  -4.173  1.00 0.00  ? 20 C A "H3'"  1 
ATOM 642 H "H2'"  . C A 1 20 ? 4.823   -4.265  -4.216  1.00 0.00  ? 20 C A "H2'"  1 
ATOM 643 H "HO2'" . C A 1 20 ? 6.505   -5.941  -4.845  1.00 0.00  ? 20 C A "HO2'" 1 
ATOM 644 H "H1'"  . C A 1 20 ? 4.691   -4.063  -6.924  1.00 0.00  ? 20 C A "H1'"  1 
ATOM 645 H H41    . C A 1 20 ? -0.210  -0.403  -4.658  1.00 0.00  ? 20 C A H41    1 
ATOM 646 H H42    . C A 1 20 ? -1.296  -1.723  -5.040  1.00 0.00  ? 20 C A H42    1 
ATOM 647 H H5     . C A 1 20 ? -0.556  -3.865  -5.713  1.00 0.00  ? 20 C A H5     1 
ATOM 648 H H6     . C A 1 20 ? 1.387   -5.270  -6.329  1.00 0.00  ? 20 C A H6     1 
ATOM 649 P P      . G A 1 21 ? 4.773   -7.384  -2.262  1.00 65.10 ? 21 G A P      1 
ATOM 650 O OP1    . G A 1 21 ? 5.867   -8.163  -1.641  1.00 64.77 ? 21 G A OP1    1 
ATOM 651 O OP2    . G A 1 21 ? 3.409   -7.947  -2.191  1.00 64.57 ? 21 G A OP2    1 
ATOM 652 O "O5'"  . G A 1 21 ? 4.756   -5.930  -1.630  1.00 64.14 ? 21 G A "O5'"  1 
ATOM 653 C "C5'"  . G A 1 21 ? 5.974   -5.209  -1.485  1.00 62.38 ? 21 G A "C5'"  1 
ATOM 654 C "C4'"  . G A 1 21 ? 5.728   -3.736  -1.100  1.00 61.99 ? 21 G A "C4'"  1 
ATOM 655 O "O4'"  . G A 1 21 ? 4.856   -3.060  -2.063  1.00 61.34 ? 21 G A "O4'"  1 
ATOM 656 C "C3'"  . G A 1 21 ? 5.018   -3.587  0.234   1.00 61.69 ? 21 G A "C3'"  1 
ATOM 657 O "O3'"  . G A 1 21 ? 5.963   -3.674  1.301   1.00 62.51 ? 21 G A "O3'"  1 
ATOM 658 C "C2'"  . G A 1 21 ? 4.344   -2.224  0.100   1.00 61.01 ? 21 G A "C2'"  1 
ATOM 659 O "O2'"  . G A 1 21 ? 5.261   -1.150  0.300   1.00 60.10 ? 21 G A "O2'"  1 
ATOM 660 C "C1'"  . G A 1 21 ? 3.883   -2.263  -1.373  1.00 60.75 ? 21 G A "C1'"  1 
ATOM 661 N N9     . G A 1 21 ? 2.507   -2.806  -1.622  1.00 60.16 ? 21 G A N9     1 
ATOM 662 C C8     . G A 1 21 ? 2.137   -4.006  -2.169  1.00 59.91 ? 21 G A C8     1 
ATOM 663 N N7     . G A 1 21 ? 0.859   -4.146  -2.388  1.00 59.69 ? 21 G A N7     1 
ATOM 664 C C5     . G A 1 21 ? 0.311   -2.965  -1.988  1.00 59.49 ? 21 G A C5     1 
ATOM 665 C C6     . G A 1 21 ? -1.030  -2.576  -2.053  1.00 59.39 ? 21 G A C6     1 
ATOM 666 O O6     . G A 1 21 ? -1.948  -3.265  -2.510  1.00 60.03 ? 21 G A O6     1 
ATOM 667 N N1     . G A 1 21 ? -1.208  -1.252  -1.573  1.00 58.87 ? 21 G A N1     1 
ATOM 668 C C2     . G A 1 21 ? -0.196  -0.402  -1.091  1.00 58.33 ? 21 G A C2     1 
ATOM 669 N N2     . G A 1 21 ? -0.669  0.828   -0.744  1.00 57.26 ? 21 G A N2     1 
ATOM 670 N N3     . G A 1 21 ? 1.101   -0.833  -1.025  1.00 58.77 ? 21 G A N3     1 
ATOM 671 C C4     . G A 1 21 ? 1.292   -2.098  -1.491  1.00 59.63 ? 21 G A C4     1 
ATOM 672 H "H5'"  . G A 1 21 ? 6.558   -5.217  -2.434  1.00 0.00  ? 21 G A "H5'"  1 
ATOM 673 H "H5''" . G A 1 21 ? 6.595   -5.680  -0.688  1.00 0.00  ? 21 G A "H5''" 1 
ATOM 674 H "H4'"  . G A 1 21 ? 6.688   -3.178  -1.080  1.00 0.00  ? 21 G A "H4'"  1 
ATOM 675 H "H3'"  . G A 1 21 ? 4.228   -4.378  0.286   1.00 0.00  ? 21 G A "H3'"  1 
ATOM 676 H "H2'"  . G A 1 21 ? 3.487   -2.081  0.758   1.00 0.00  ? 21 G A "H2'"  1 
ATOM 677 H "HO2'" . G A 1 21 ? 5.625   -1.312  1.193   1.00 0.00  ? 21 G A "HO2'" 1 
ATOM 678 H "H1'"  . G A 1 21 ? 3.941   -1.235  -1.790  1.00 0.00  ? 21 G A "H1'"  1 
ATOM 679 H H8     . G A 1 21 ? 2.892   -4.765  -2.372  1.00 0.00  ? 21 G A H8     1 
ATOM 680 H H1     . G A 1 21 ? -2.159  -0.914  -1.623  1.00 0.00  ? 21 G A H1     1 
ATOM 681 H H21    . G A 1 21 ? -1.635  1.047   -0.881  1.00 0.00  ? 21 G A H21    1 
ATOM 682 H H22    . G A 1 21 ? -0.026  1.531   -0.440  1.00 0.00  ? 21 G A H22    1 
ATOM 683 P P      . A A 1 22 ? 5.509   -4.128  2.744   1.00 63.35 ? 22 A A P      1 
ATOM 684 O OP1    . A A 1 22 ? 6.709   -4.505  3.522   1.00 62.97 ? 22 A A OP1    1 
ATOM 685 O OP2    . A A 1 22 ? 4.424   -5.129  2.633   1.00 63.64 ? 22 A A OP2    1 
ATOM 686 O "O5'"  . A A 1 22 ? 4.895   -2.791  3.312   1.00 64.75 ? 22 A A "O5'"  1 
ATOM 687 C "C5'"  . A A 1 22 ? 5.387   -2.189  4.500   1.00 66.11 ? 22 A A "C5'"  1 
ATOM 688 C "C4'"  . A A 1 22 ? 6.505   -1.179  4.225   1.00 67.14 ? 22 A A "C4'"  1 
ATOM 689 O "O4'"  . A A 1 22 ? 6.097   -0.210  3.201   1.00 68.13 ? 22 A A "O4'"  1 
ATOM 690 C "C3'"  . A A 1 22 ? 6.772   -0.316  5.453   1.00 67.76 ? 22 A A "C3'"  1 
ATOM 691 O "O3'"  . A A 1 22 ? 7.652   -0.937  6.390   1.00 67.35 ? 22 A A "O3'"  1 
ATOM 692 C "C2'"  . A A 1 22 ? 7.358   0.940   4.831   1.00 68.48 ? 22 A A "C2'"  1 
ATOM 693 O "O2'"  . A A 1 22 ? 8.693   0.744   4.368   1.00 69.65 ? 22 A A "O2'"  1 
ATOM 694 C "C1'"  . A A 1 22 ? 6.380   1.118   3.658   1.00 68.71 ? 22 A A "C1'"  1 
ATOM 695 N N9     . A A 1 22 ? 5.110   1.810   4.037   1.00 69.39 ? 22 A A N9     1 
ATOM 696 C C8     . A A 1 22 ? 3.828   1.330   4.089   1.00 69.25 ? 22 A A C8     1 
ATOM 697 N N7     . A A 1 22 ? 2.929   2.209   4.453   1.00 69.49 ? 22 A A N7     1 
ATOM 698 C C5     . A A 1 22 ? 3.636   3.361   4.646   1.00 68.97 ? 22 A A C5     1 
ATOM 699 C C6     . A A 1 22 ? 3.184   4.639   5.026   1.00 68.74 ? 22 A A C6     1 
ATOM 700 N N6     . A A 1 22 ? 1.851   4.849   5.254   1.00 68.24 ? 22 A A N6     1 
ATOM 701 N N1     . A A 1 22 ? 4.163   5.592   5.130   1.00 69.25 ? 22 A A N1     1 
ATOM 702 C C2     . A A 1 22 ? 5.437   5.274   4.874   1.00 69.22 ? 22 A A C2     1 
ATOM 703 N N3     . A A 1 22 ? 5.962   4.101   4.510   1.00 68.91 ? 22 A A N3     1 
ATOM 704 C C4     . A A 1 22 ? 4.989   3.161   4.410   1.00 69.25 ? 22 A A C4     1 
ATOM 705 H "H5'"  . A A 1 22 ? 5.767   -2.943  5.233   1.00 0.00  ? 22 A A "H5'"  1 
ATOM 706 H "H5''" . A A 1 22 ? 4.543   -1.679  5.014   1.00 0.00  ? 22 A A "H5''" 1 
ATOM 707 H "H4'"  . A A 1 22 ? 7.421   -1.693  3.867   1.00 0.00  ? 22 A A "H4'"  1 
ATOM 708 H "H3'"  . A A 1 22 ? 5.774   -0.046  5.881   1.00 0.00  ? 22 A A "H3'"  1 
ATOM 709 H "H2'"  . A A 1 22 ? 7.361   1.814   5.482   1.00 0.00  ? 22 A A "H2'"  1 
ATOM 710 H "HO2'" . A A 1 22 ? 8.952   -0.040  4.877   1.00 0.00  ? 22 A A "HO2'" 1 
ATOM 711 H "H1'"  . A A 1 22 ? 6.882   1.663   2.829   1.00 0.00  ? 22 A A "H1'"  1 
ATOM 712 H H8     . A A 1 22 ? 3.645   0.279   3.827   1.00 0.00  ? 22 A A H8     1 
ATOM 713 H H61    . A A 1 22 ? 1.559   5.759   5.522   1.00 0.00  ? 22 A A H61    1 
ATOM 714 H H62    . A A 1 22 ? 1.181   4.111   5.149   1.00 0.00  ? 22 A A H62    1 
ATOM 715 H H2     . A A 1 22 ? 6.152   6.092   4.985   1.00 0.00  ? 22 A A H2     1 
ATOM 716 P P      . A A 1 23 ? 7.275   -0.946  7.933   1.00 67.69 ? 23 A A P      1 
ATOM 717 O OP1    . A A 1 23 ? 8.252   -1.787  8.658   1.00 67.60 ? 23 A A OP1    1 
ATOM 718 O OP2    . A A 1 23 ? 5.840   -1.284  8.079   1.00 67.94 ? 23 A A OP2    1 
ATOM 719 O "O5'"  . A A 1 23 ? 7.472   0.566   8.365   1.00 67.85 ? 23 A A "O5'"  1 
ATOM 720 C "C5'"  . A A 1 23 ? 8.793   1.095   8.405   1.00 67.53 ? 23 A A "C5'"  1 
ATOM 721 C "C4'"  . A A 1 23 ? 8.796   2.632   8.474   1.00 67.23 ? 23 A A "C4'"  1 
ATOM 722 O "O4'"  . A A 1 23 ? 8.001   3.222   7.395   1.00 67.09 ? 23 A A "O4'"  1 
ATOM 723 C "C3'"  . A A 1 23 ? 8.167   3.190   9.742   1.00 66.74 ? 23 A A "C3'"  1 
ATOM 724 O "O3'"  . A A 1 23 ? 9.077   3.146   10.839  1.00 66.98 ? 23 A A "O3'"  1 
ATOM 725 C "C2'"  . A A 1 23 ? 7.821   4.605   9.300   1.00 66.60 ? 23 A A "C2'"  1 
ATOM 726 O "O2'"  . A A 1 23 ? 8.971   5.442   9.193   1.00 66.18 ? 23 A A "O2'"  1 
ATOM 727 C "C1'"  . A A 1 23 ? 7.227   4.313   7.912   1.00 66.99 ? 23 A A "C1'"  1 
ATOM 728 N N9     . A A 1 23 ? 5.771   3.960   7.946   1.00 67.47 ? 23 A A N9     1 
ATOM 729 C C8     . A A 1 23 ? 5.144   2.765   7.713   1.00 67.37 ? 23 A A C8     1 
ATOM 730 N N7     . A A 1 23 ? 3.846   2.779   7.883   1.00 67.87 ? 23 A A N7     1 
ATOM 731 C C5     . A A 1 23 ? 3.566   4.071   8.226   1.00 67.99 ? 23 A A C5     1 
ATOM 732 C C6     . A A 1 23 ? 2.325   4.679   8.499   1.00 67.86 ? 23 A A C6     1 
ATOM 733 N N6     . A A 1 23 ? 1.184   3.924   8.481   1.00 68.36 ? 23 A A N6     1 
ATOM 734 N N1     . A A 1 23 ? 2.386   6.024   8.765   1.00 67.93 ? 23 A A N1     1 
ATOM 735 C C2     . A A 1 23 ? 3.567   6.651   8.779   1.00 68.10 ? 23 A A C2     1 
ATOM 736 N N3     . A A 1 23 ? 4.791   6.163   8.560   1.00 67.88 ? 23 A A N3     1 
ATOM 737 C C4     . A A 1 23 ? 4.724   4.840   8.274   1.00 67.85 ? 23 A A C4     1 
ATOM 738 H "H5'"  . A A 1 23 ? 9.375   0.803   7.498   1.00 0.00  ? 23 A A "H5'"  1 
ATOM 739 H "H5''" . A A 1 23 ? 9.327   0.702   9.302   1.00 0.00  ? 23 A A "H5''" 1 
ATOM 740 H "H4'"  . A A 1 23 ? 9.833   3.015   8.371   1.00 0.00  ? 23 A A "H4'"  1 
ATOM 741 H "H3'"  . A A 1 23 ? 7.220   2.624   9.930   1.00 0.00  ? 23 A A "H3'"  1 
ATOM 742 H "H2'"  . A A 1 23 ? 7.093   5.110   9.934   1.00 0.00  ? 23 A A "H2'"  1 
ATOM 743 H "HO2'" . A A 1 23 ? 9.405   5.268   10.040  1.00 0.00  ? 23 A A "HO2'" 1 
ATOM 744 H "H1'"  . A A 1 23 ? 7.392   5.189   7.248   1.00 0.00  ? 23 A A "H1'"  1 
ATOM 745 H H8     . A A 1 23 ? 5.755   1.910   7.417   1.00 0.00  ? 23 A A H8     1 
ATOM 746 H H61    . A A 1 23 ? 0.322   4.376   8.690   1.00 0.00  ? 23 A A H61    1 
ATOM 747 H H62    . A A 1 23 ? 1.239   2.944   8.278   1.00 0.00  ? 23 A A H62    1 
ATOM 748 H H2     . A A 1 23 ? 3.525   7.718   9.014   1.00 0.00  ? 23 A A H2     1 
ATOM 749 P P      . A A 1 24 ? 8.550   2.885   12.311  1.00 65.98 ? 24 A A P      1 
ATOM 750 O OP1    . A A 1 24 ? 9.704   2.534   13.170  1.00 66.78 ? 24 A A OP1    1 
ATOM 751 O OP2    . A A 1 24 ? 7.418   1.933   12.267  1.00 66.40 ? 24 A A OP2    1 
ATOM 752 O "O5'"  . A A 1 24 ? 7.996   4.304   12.746  1.00 67.08 ? 24 A A "O5'"  1 
ATOM 753 C "C5'"  . A A 1 24 ? 8.925   5.368   12.934  1.00 68.35 ? 24 A A "C5'"  1 
ATOM 754 C "C4'"  . A A 1 24 ? 8.226   6.738   12.951  1.00 69.57 ? 24 A A "C4'"  1 
ATOM 755 O "O4'"  . A A 1 24 ? 7.381   6.919   11.766  1.00 69.86 ? 24 A A "O4'"  1 
ATOM 756 C "C3'"  . A A 1 24 ? 7.263   6.910   14.113  1.00 70.19 ? 24 A A "C3'"  1 
ATOM 757 O "O3'"  . A A 1 24 ? 7.920   7.278   15.326  1.00 71.00 ? 24 A A "O3'"  1 
ATOM 758 C "C2'"  . A A 1 24 ? 6.361   8.021   13.595  1.00 70.33 ? 24 A A "C2'"  1 
ATOM 759 O "O2'"  . A A 1 24 ? 7.002   9.295   13.615  1.00 70.22 ? 24 A A "O2'"  1 
ATOM 760 C "C1'"  . A A 1 24 ? 6.145   7.542   12.150  1.00 70.40 ? 24 A A "C1'"  1 
ATOM 761 N N9     . A A 1 24 ? 4.993   6.595   12.001  1.00 0.00  ? 24 A A N9     1 
ATOM 762 C C8     . A A 1 24 ? 4.973   5.250   11.745  1.00 0.00  ? 24 A A C8     1 
ATOM 763 N N7     . A A 1 24 ? 3.780   4.714   11.696  1.00 0.00  ? 24 A A N7     1 
ATOM 764 C C5     . A A 1 24 ? 2.933   5.754   11.952  1.00 0.00  ? 24 A A C5     1 
ATOM 765 C C6     . A A 1 24 ? 1.528   5.766   12.034  1.00 0.00  ? 24 A A C6     1 
ATOM 766 N N6     . A A 1 24 ? 0.830   4.607   11.838  1.00 0.00  ? 24 A A N6     1 
ATOM 767 N N1     . A A 1 24 ? 0.975   6.992   12.305  1.00 0.00  ? 24 A A N1     1 
ATOM 768 C C2     . A A 1 24 ? 1.764   8.060   12.466  1.00 0.00  ? 24 A A C2     1 
ATOM 769 N N3     . A A 1 24 ? 3.094   8.151   12.404  1.00 0.00  ? 24 A A N3     1 
ATOM 770 C C4     . A A 1 24 ? 3.636   6.937   12.141  1.00 0.00  ? 24 A A C4     1 
ATOM 771 H "H5'"  . A A 1 24 ? 9.692   5.392   12.127  1.00 0.00  ? 24 A A "H5'"  1 
ATOM 772 H "H5''" . A A 1 24 ? 9.453   5.228   13.908  1.00 0.00  ? 24 A A "H5''" 1 
ATOM 773 H "H4'"  . A A 1 24 ? 8.980   7.552   12.956  1.00 0.00  ? 24 A A "H4'"  1 
ATOM 774 H "H3'"  . A A 1 24 ? 6.667   5.966   14.189  1.00 0.00  ? 24 A A "H3'"  1 
ATOM 775 H "H2'"  . A A 1 24 ? 5.409   8.112   14.118  1.00 0.00  ? 24 A A "H2'"  1 
ATOM 776 H "HO2'" . A A 1 24 ? 7.608   9.161   14.362  1.00 0.00  ? 24 A A "HO2'" 1 
ATOM 777 H "H1'"  . A A 1 24 ? 5.994   8.423   11.489  1.00 0.00  ? 24 A A "H1'"  1 
ATOM 778 H H8     . A A 1 24 ? 5.919   4.716   11.636  1.00 0.00  ? 24 A A H8     1 
ATOM 779 H H61    . A A 1 24 ? -0.168  4.647   11.858  1.00 0.00  ? 24 A A H61    1 
ATOM 780 H H62    . A A 1 24 ? 1.324   3.760   11.633  1.00 0.00  ? 24 A A H62    1 
ATOM 781 H H2     . A A 1 24 ? 1.242   8.992   12.690  1.00 0.00  ? 24 A A H2     1 
ATOM 782 P P      . G A 1 25 ? 7.684   6.433   16.647  1.00 71.85 ? 25 G A P      1 
ATOM 783 O OP1    . G A 1 25 ? 8.442   7.060   17.752  1.00 71.93 ? 25 G A OP1    1 
ATOM 784 O OP2    . G A 1 25 ? 7.951   5.007   16.359  1.00 71.62 ? 25 G A OP2    1 
ATOM 785 O "O5'"  . G A 1 25 ? 6.133   6.611   16.915  1.00 72.63 ? 25 G A "O5'"  1 
ATOM 786 C "C5'"  . G A 1 25 ? 5.652   7.881   17.342  1.00 73.66 ? 25 G A "C5'"  1 
ATOM 787 C "C4'"  . G A 1 25 ? 4.123   7.982   17.221  1.00 74.28 ? 25 G A "C4'"  1 
ATOM 788 O "O4'"  . G A 1 25 ? 3.669   7.696   15.858  1.00 75.13 ? 25 G A "O4'"  1 
ATOM 789 C "C3'"  . G A 1 25 ? 3.377   6.969   18.074  1.00 74.31 ? 25 G A "C3'"  1 
ATOM 790 O "O3'"  . G A 1 25 ? 3.297   7.387   19.436  1.00 73.19 ? 25 G A "O3'"  1 
ATOM 791 C "C2'"  . G A 1 25 ? 2.022   6.934   17.377  1.00 74.90 ? 25 G A "C2'"  1 
ATOM 792 O "O2'"  . G A 1 25 ? 1.250   8.107   17.632  1.00 74.91 ? 25 G A "O2'"  1 
ATOM 793 C "C1'"  . G A 1 25 ? 2.481   6.892   15.909  1.00 75.39 ? 25 G A "C1'"  1 
ATOM 794 N N9     . G A 1 25 ? 2.763   5.512   15.406  1.00 0.00  ? 25 G A N9     1 
ATOM 795 C C8     . G A 1 25 ? 3.954   4.910   15.110  1.00 0.00  ? 25 G A C8     1 
ATOM 796 N N7     . G A 1 25 ? 3.865   3.658   14.743  1.00 0.00  ? 25 G A N7     1 
ATOM 797 C C5     . G A 1 25 ? 2.529   3.386   14.781  1.00 0.00  ? 25 G A C5     1 
ATOM 798 C C6     . G A 1 25 ? 1.882   2.181   14.477  1.00 0.00  ? 25 G A C6     1 
ATOM 799 O O6     . G A 1 25 ? 2.443   1.142   14.108  1.00 0.00  ? 25 G A O6     1 
ATOM 800 N N1     . G A 1 25 ? 0.475   2.296   14.652  1.00 0.00  ? 25 G A N1     1 
ATOM 801 C C2     . G A 1 25 ? -0.217  3.446   15.076  1.00 0.00  ? 25 G A C2     1 
ATOM 802 N N2     . G A 1 25 ? -1.563  3.261   15.171  1.00 0.00  ? 25 G A N2     1 
ATOM 803 N N3     . G A 1 25 ? 0.456   4.597   15.353  1.00 0.00  ? 25 G A N3     1 
ATOM 804 C C4     . G A 1 25 ? 1.802   4.508   15.194  1.00 0.00  ? 25 G A C4     1 
ATOM 805 H "H5'"  . G A 1 25 ? 6.092   8.705   16.734  1.00 0.00  ? 25 G A "H5'"  1 
ATOM 806 H "H5''" . G A 1 25 ? 5.931   8.044   18.409  1.00 0.00  ? 25 G A "H5''" 1 
ATOM 807 H "H4'"  . G A 1 25 ? 3.788   9.009   17.474  1.00 0.00  ? 25 G A "H4'"  1 
ATOM 808 H "H3'"  . G A 1 25 ? 3.878   5.977   17.939  1.00 0.00  ? 25 G A "H3'"  1 
ATOM 809 H "H2'"  . G A 1 25 ? 1.409   6.066   17.616  1.00 0.00  ? 25 G A "H2'"  1 
ATOM 810 H "HO2'" . G A 1 25 ? 1.469   8.256   18.562  1.00 0.00  ? 25 G A "HO2'" 1 
ATOM 811 H "H1'"  . G A 1 25 ? 1.712   7.373   15.267  1.00 0.00  ? 25 G A "H1'"  1 
ATOM 812 H H8     . G A 1 25 ? 4.874   5.478   15.238  1.00 0.00  ? 25 G A H8     1 
ATOM 813 H H1     . G A 1 25 ? -0.022  1.443   14.470  1.00 0.00  ? 25 G A H1     1 
ATOM 814 H H21    . G A 1 25 ? -1.927  2.348   14.971  1.00 0.00  ? 25 G A H21    1 
ATOM 815 H H22    . G A 1 25 ? -2.101  4.029   15.483  1.00 0.00  ? 25 G A H22    1 
ATOM 816 P P      . G A 1 26 ? 3.366   6.310   20.596  1.00 72.64 ? 26 G A P      1 
ATOM 817 O OP1    . G A 1 26 ? 3.462   7.017   21.891  1.00 72.60 ? 26 G A OP1    1 
ATOM 818 O OP2    . G A 1 26 ? 4.416   5.316   20.282  1.00 72.83 ? 26 G A OP2    1 
ATOM 819 O "O5'"  . G A 1 26 ? 1.951   5.601   20.494  1.00 72.37 ? 26 G A "O5'"  1 
ATOM 820 C "C5'"  . G A 1 26 ? 0.809   6.366   20.875  1.00 71.05 ? 26 G A "C5'"  1 
ATOM 821 C "C4'"  . G A 1 26 ? -0.500  5.630   20.558  1.00 70.03 ? 26 G A "C4'"  1 
ATOM 822 O "O4'"  . G A 1 26 ? -0.554  5.200   19.160  1.00 70.18 ? 26 G A "O4'"  1 
ATOM 823 C "C3'"  . G A 1 26 ? -0.660  4.348   21.353  1.00 69.09 ? 26 G A "C3'"  1 
ATOM 824 O "O3'"  . G A 1 26 ? -1.155  4.615   22.666  1.00 67.95 ? 26 G A "O3'"  1 
ATOM 825 C "C2'"  . G A 1 26 ? -1.650  3.570   20.497  1.00 69.22 ? 26 G A "C2'"  1 
ATOM 826 O "O2'"  . G A 1 26 ? -2.982  4.060   20.632  1.00 68.72 ? 26 G A "O2'"  1 
ATOM 827 C "C1'"  . G A 1 26 ? -1.100  3.875   19.089  1.00 69.76 ? 26 G A "C1'"  1 
ATOM 828 N N9     . G A 1 26 ? -0.064  2.908   18.608  1.00 70.33 ? 26 G A N9     1 
ATOM 829 C C8     . G A 1 26 ? 1.255   3.102   18.300  1.00 69.84 ? 26 G A C8     1 
ATOM 830 N N7     . G A 1 26 ? 1.870   2.046   17.830  1.00 70.16 ? 26 G A N7     1 
ATOM 831 C C5     . G A 1 26 ? 0.914   1.071   17.815  1.00 70.50 ? 26 G A C5     1 
ATOM 832 C C6     . G A 1 26 ? 1.040   -0.264  17.399  1.00 70.29 ? 26 G A C6     1 
ATOM 833 O O6     . G A 1 26 ? 2.061   -0.771  16.922  1.00 69.76 ? 26 G A O6     1 
ATOM 834 N N1     . G A 1 26 ? -0.171  -0.980  17.601  1.00 70.66 ? 26 G A N1     1 
ATOM 835 C C2     . G A 1 26 ? -1.373  -0.451  18.111  1.00 70.38 ? 26 G A C2     1 
ATOM 836 N N2     . G A 1 26 ? -2.366  -1.374  18.225  1.00 70.13 ? 26 G A N2     1 
ATOM 837 N N3     . G A 1 26 ? -1.460  0.864   18.451  1.00 70.89 ? 26 G A N3     1 
ATOM 838 C C4     . G A 1 26 ? -0.301  1.557   18.301  1.00 70.65 ? 26 G A C4     1 
ATOM 839 H "H5'"  . G A 1 26 ? 0.784   7.341   20.339  1.00 0.00  ? 26 G A "H5'"  1 
ATOM 840 H "H5''" . G A 1 26 ? 0.839   6.569   21.972  1.00 0.00  ? 26 G A "H5''" 1 
ATOM 841 H "H4'"  . G A 1 26 ? -1.367  6.302   20.732  1.00 0.00  ? 26 G A "H4'"  1 
ATOM 842 H "H3'"  . G A 1 26 ? 0.322   3.811   21.335  1.00 0.00  ? 26 G A "H3'"  1 
ATOM 843 H "H2'"  . G A 1 26 ? -1.659  2.496   20.680  1.00 0.00  ? 26 G A "H2'"  1 
ATOM 844 H "HO2'" . G A 1 26 ? -2.903  4.541   21.468  1.00 0.00  ? 26 G A "HO2'" 1 
ATOM 845 H "H1'"  . G A 1 26 ? -1.944  3.898   18.368  1.00 0.00  ? 26 G A "H1'"  1 
ATOM 846 H H8     . G A 1 26 ? 1.698   4.088   18.475  1.00 0.00  ? 26 G A H8     1 
ATOM 847 H H1     . G A 1 26 ? -0.122  -1.947  17.330  1.00 0.00  ? 26 G A H1     1 
ATOM 848 H H21    . G A 1 26 ? -2.176  -2.316  17.936  1.00 0.00  ? 26 G A H21    1 
ATOM 849 H H22    . G A 1 26 ? -3.237  -1.057  18.576  1.00 0.00  ? 26 G A H22    1 
ATOM 850 P P      . C A 1 27 ? -0.483  3.930   23.922  1.00 67.53 ? 27 C A P      1 
ATOM 851 O OP1    . C A 1 27 ? -1.087  4.487   25.152  1.00 67.77 ? 27 C A OP1    1 
ATOM 852 O OP2    . C A 1 27 ? 0.990   4.003   23.792  1.00 67.32 ? 27 C A OP2    1 
ATOM 853 O "O5'"  . C A 1 27 ? -0.932  2.421   23.763  1.00 66.23 ? 27 C A "O5'"  1 
ATOM 854 C "C5'"  . C A 1 27 ? -2.294  2.097   24.022  1.00 64.14 ? 27 C A "C5'"  1 
ATOM 855 C "C4'"  . C A 1 27 ? -2.600  0.632   23.678  1.00 63.21 ? 27 C A "C4'"  1 
ATOM 856 O "O4'"  . C A 1 27 ? -2.418  0.365   22.252  1.00 62.79 ? 27 C A "O4'"  1 
ATOM 857 C "C3'"  . C A 1 27 ? -1.658  -0.344  24.354  1.00 62.38 ? 27 C A "C3'"  1 
ATOM 858 O "O3'"  . C A 1 27 ? -1.995  -0.558  25.721  1.00 62.18 ? 27 C A "O3'"  1 
ATOM 859 C "C2'"  . C A 1 27 ? -1.788  -1.583  23.483  1.00 61.93 ? 27 C A "C2'"  1 
ATOM 860 O "O2'"  . C A 1 27 ? -2.993  -2.305  23.732  1.00 61.54 ? 27 C A "O2'"  1 
ATOM 861 C "C1'"  . C A 1 27 ? -1.831  -0.938  22.075  1.00 61.93 ? 27 C A "C1'"  1 
ATOM 862 N N1     . C A 1 27 ? -0.489  -0.855  21.397  1.00 61.38 ? 27 C A N1     1 
ATOM 863 C C2     . C A 1 27 ? 0.032   -2.076  20.848  1.00 61.58 ? 27 C A C2     1 
ATOM 864 O O2     . C A 1 27 ? -0.657  -3.113  20.799  1.00 62.27 ? 27 C A O2     1 
ATOM 865 N N3     . C A 1 27 ? 1.324   -2.078  20.366  1.00 61.09 ? 27 C A N3     1 
ATOM 866 C C4     . C A 1 27 ? 2.098   -0.962  20.383  1.00 60.36 ? 27 C A C4     1 
ATOM 867 N N4     . C A 1 27 ? 3.371   -0.969  19.891  1.00 59.29 ? 27 C A N4     1 
ATOM 868 C C5     . C A 1 27 ? 1.575   0.269   20.920  1.00 60.20 ? 27 C A C5     1 
ATOM 869 C C6     . C A 1 27 ? 0.322   0.276   21.404  1.00 60.69 ? 27 C A C6     1 
ATOM 870 H "H5'"  . C A 1 27 ? -2.977  2.739   23.415  1.00 0.00  ? 27 C A "H5'"  1 
ATOM 871 H "H5''" . C A 1 27 ? -2.529  2.273   25.097  1.00 0.00  ? 27 C A "H5''" 1 
ATOM 872 H "H4'"  . C A 1 27 ? -3.656  0.391   23.920  1.00 0.00  ? 27 C A "H4'"  1 
ATOM 873 H "H3'"  . C A 1 27 ? -0.612  0.035   24.283  1.00 0.00  ? 27 C A "H3'"  1 
ATOM 874 H "HO3'" . C A 1 27 ? -1.773  0.281   26.152  1.00 0.00  ? 27 C A "HO3'" 1 
ATOM 875 H "H2'"  . C A 1 27 ? -0.946  -2.272  23.557  1.00 0.00  ? 27 C A "H2'"  1 
ATOM 876 H "HO2'" . C A 1 27 ? -3.176  -2.093  24.657  1.00 0.00  ? 27 C A "HO2'" 1 
ATOM 877 H "H1'"  . C A 1 27 ? -2.534  -1.516  21.435  1.00 0.00  ? 27 C A "H1'"  1 
ATOM 878 H H41    . C A 1 27 ? 3.684   -1.818  19.462  1.00 0.00  ? 27 C A H41    1 
ATOM 879 H H42    . C A 1 27 ? 3.896   -0.121  19.862  1.00 0.00  ? 27 C A H42    1 
ATOM 880 H H5     . C A 1 27 ? 2.194   1.165   20.910  1.00 0.00  ? 27 C A H5     1 
ATOM 881 H H6     . C A 1 27 ? -0.116  1.181   21.816  1.00 0.00  ? 27 C A H6     1 
# 
